data_2QNA
#
_entry.id   2QNA
#
_cell.length_a   64.220
_cell.length_b   79.070
_cell.length_c   208.460
_cell.angle_alpha   90.00
_cell.angle_beta   90.00
_cell.angle_gamma   90.00
#
_symmetry.space_group_name_H-M   'P 21 21 21'
#
loop_
_entity.id
_entity.type
_entity.pdbx_description
1 polymer 'Importin subunit beta-1'
2 polymer Snurportin-1
3 non-polymer 'SULFATE ION'
4 water water
#
loop_
_entity_poly.entity_id
_entity_poly.type
_entity_poly.pdbx_seq_one_letter_code
_entity_poly.pdbx_strand_id
1 'polypeptide(L)'
;SPELIPQLVANVTNPNSTEHMKESTLEAIGYICQDIDPEQLQDKSNEILTAIIQGMRKEEPSNNVKLAATNALLNSLEFT
KANFDKESERHFIMQVVCEATQCPDTRVRVAALQNLVKIMSLYYQYMETYMGPALFAITIEAMKSDIDEVALQGIEFWSN
VCDEEMDLAIEASEAAEQGRPPEHTSKFYAKGALQYLVPILTQTLTKQDENDDDDDWNPCKAAGVCLMLLATCCEDDIVP
HVLPFIKEHIKNPDWRYRDAAVMAFGCILEGPEPSQLKPLVIQAMPTLIELMKDPSVVVRDTAAWTVGRICELLPEAAIN
DVYLAPLLQCLIEGLSAEPRVASNVCWAFSSLAEAAYEAADVADDQEEPATYCLSSSFELIVQKLLETTDRPDGHQNNLR
SSAYESLMEIVKNSAKDCYPAVQKTTLVIMERLQQVLQMESHIQSTSDRIQFNDLQSLLCATLQNVLRKVQHQDALQISD
VVMASLLRMFQSTAGSGGVQEDALMAVSTLVEVLGGEFLKYMEAFKPFLGIGLKNYAEYQVCLAAVGLVGDLCRALQSNI
IPFCDEVMQLLLENLGNENVHRSVKPQILSVFGDIALAIGGEFKKYLEVVLNTLQQASQAQVDKSDYDMVDYLNELRESC
LEAYTGIVQGLKGDQENVHPDVMLVQPRVEFILSFIDHIAGDEDHTDGVVACAAGLIGDLCTAFGKDVLKLVEARPMIHE
LLTEGRRSKTNKAKTLATWATKELRKLKNQGLTRVDSSGRIV
;
A
2 'polypeptide(L)' MEELSQALASSFSVSQDLNSTAAPHPRLSQYKSKYSSLEQSERRRRLLELQKSKRLDYVNHARRLA B
#
# COMPACT_ATOMS: atom_id res chain seq x y z
N SER A 1 36.12 20.80 2.66
CA SER A 1 36.12 21.85 3.73
C SER A 1 37.47 22.58 3.77
N PRO A 2 37.58 23.71 3.04
CA PRO A 2 38.79 24.55 2.92
C PRO A 2 39.70 24.61 4.17
N GLU A 3 39.14 24.87 5.35
CA GLU A 3 39.94 25.03 6.56
C GLU A 3 39.19 24.67 7.87
N LEU A 4 37.87 24.63 7.80
CA LEU A 4 37.02 24.47 9.00
C LEU A 4 37.25 23.20 9.81
N ILE A 5 37.09 22.03 9.18
CA ILE A 5 37.21 20.74 9.86
C ILE A 5 38.56 20.55 10.58
N PRO A 6 39.70 20.78 9.86
CA PRO A 6 41.00 20.72 10.53
C PRO A 6 41.12 21.64 11.76
N GLN A 7 40.52 22.82 11.71
CA GLN A 7 40.53 23.77 12.84
C GLN A 7 39.85 23.17 14.08
N LEU A 8 38.72 22.50 13.86
CA LEU A 8 37.95 21.86 14.92
C LEU A 8 38.72 20.69 15.51
N VAL A 9 39.29 19.86 14.65
CA VAL A 9 40.07 18.68 15.05
C VAL A 9 41.27 19.09 15.91
N ALA A 10 42.00 20.11 15.45
CA ALA A 10 43.18 20.62 16.16
C ALA A 10 42.84 21.13 17.56
N ASN A 11 41.67 21.78 17.69
CA ASN A 11 41.20 22.32 18.96
C ASN A 11 40.77 21.26 19.98
N VAL A 12 40.82 19.99 19.57
CA VAL A 12 40.52 18.88 20.47
C VAL A 12 41.81 18.08 20.76
N THR A 13 42.61 17.86 19.73
CA THR A 13 43.86 17.10 19.82
C THR A 13 44.96 17.86 20.57
N ASN A 14 44.90 19.20 20.51
CA ASN A 14 45.86 20.06 21.21
C ASN A 14 45.83 19.82 22.73
N PRO A 15 47.00 19.49 23.32
CA PRO A 15 47.10 19.18 24.75
C PRO A 15 46.84 20.37 25.68
N ASN A 16 46.97 21.59 25.15
CA ASN A 16 46.73 22.80 25.95
C ASN A 16 45.29 23.31 25.92
N SER A 17 44.42 22.60 25.19
CA SER A 17 43.01 22.95 25.12
C SER A 17 42.32 22.73 26.47
N THR A 18 41.59 23.74 26.92
CA THR A 18 40.85 23.68 28.18
C THR A 18 39.67 22.71 28.10
N GLU A 19 39.08 22.41 29.26
CA GLU A 19 37.89 21.56 29.33
C GLU A 19 36.74 22.15 28.50
N HIS A 20 36.60 23.47 28.55
CA HIS A 20 35.59 24.17 27.76
C HIS A 20 35.85 24.04 26.26
N MET A 21 37.09 24.27 25.84
CA MET A 21 37.48 24.22 24.43
C MET A 21 37.18 22.87 23.78
N LYS A 22 37.58 21.79 24.45
CA LYS A 22 37.36 20.43 23.94
C LYS A 22 35.87 20.09 23.88
N GLU A 23 35.15 20.40 24.96
CA GLU A 23 33.73 20.03 25.10
C GLU A 23 32.82 20.75 24.09
N SER A 24 33.05 22.06 23.93
CA SER A 24 32.25 22.87 23.02
C SER A 24 32.51 22.55 21.55
N THR A 25 33.75 22.17 21.24
CA THR A 25 34.16 21.86 19.87
C THR A 25 33.61 20.51 19.41
N LEU A 26 33.60 19.52 20.30
CA LEU A 26 33.08 18.19 20.00
C LEU A 26 31.57 18.21 19.72
N GLU A 27 30.87 19.10 20.41
CA GLU A 27 29.44 19.32 20.16
C GLU A 27 29.23 20.00 18.80
N ALA A 28 30.12 20.93 18.47
CA ALA A 28 30.12 21.59 17.16
C ALA A 28 30.46 20.61 16.04
N ILE A 29 31.44 19.74 16.29
CA ILE A 29 31.80 18.66 15.38
C ILE A 29 30.62 17.71 15.18
N GLY A 30 29.95 17.38 16.29
CA GLY A 30 28.80 16.47 16.28
C GLY A 30 27.65 16.89 15.40
N TYR A 31 27.28 18.17 15.47
CA TYR A 31 26.19 18.71 14.65
C TYR A 31 26.54 18.81 13.17
N ILE A 32 27.83 19.00 12.87
CA ILE A 32 28.32 19.05 11.49
C ILE A 32 28.17 17.71 10.78
N CYS A 33 28.39 16.63 11.53
CA CYS A 33 28.21 15.27 11.03
C CYS A 33 26.74 14.97 10.71
N GLN A 34 25.83 15.65 11.39
CA GLN A 34 24.40 15.54 11.12
C GLN A 34 23.98 16.35 9.88
N ASP A 35 24.85 17.25 9.43
CA ASP A 35 24.53 18.14 8.31
C ASP A 35 24.93 17.59 6.94
N ILE A 36 26.23 17.65 6.63
CA ILE A 36 26.74 17.38 5.28
C ILE A 36 26.66 15.90 4.89
N ASP A 37 26.50 15.66 3.59
CA ASP A 37 26.57 14.31 3.01
C ASP A 37 28.01 13.80 2.98
N PRO A 38 28.19 12.47 2.88
CA PRO A 38 29.51 11.82 2.86
C PRO A 38 30.49 12.33 1.78
N GLU A 39 30.00 13.15 0.85
CA GLU A 39 30.82 13.72 -0.22
C GLU A 39 32.04 14.47 0.30
N GLN A 40 31.84 15.29 1.34
CA GLN A 40 32.91 16.05 1.96
C GLN A 40 33.49 15.34 3.19
N LEU A 41 32.62 14.66 3.94
CA LEU A 41 32.97 14.11 5.25
C LEU A 41 33.74 12.78 5.26
N GLN A 42 33.75 12.07 4.13
CA GLN A 42 34.46 10.79 4.05
C GLN A 42 35.99 10.91 3.92
N ASP A 43 36.45 12.05 3.40
CA ASP A 43 37.87 12.40 3.44
C ASP A 43 38.29 12.77 4.85
N LYS A 44 37.40 13.46 5.55
CA LYS A 44 37.68 14.00 6.89
C LYS A 44 37.39 12.98 8.00
N SER A 45 36.69 11.90 7.67
CA SER A 45 36.29 10.89 8.66
C SER A 45 37.49 10.30 9.41
N ASN A 46 38.63 10.28 8.76
CA ASN A 46 39.89 9.84 9.38
C ASN A 46 40.36 10.81 10.47
N GLU A 47 40.11 12.11 10.24
CA GLU A 47 40.51 13.16 11.17
C GLU A 47 39.45 13.47 12.22
N ILE A 48 38.18 13.36 11.82
CA ILE A 48 37.05 13.60 12.73
C ILE A 48 37.04 12.57 13.86
N LEU A 49 37.27 11.30 13.51
CA LEU A 49 37.36 10.21 14.49
C LEU A 49 38.53 10.37 15.45
N THR A 50 39.65 10.87 14.94
CA THR A 50 40.84 11.13 15.76
C THR A 50 40.50 12.05 16.93
N ALA A 51 39.72 13.09 16.66
CA ALA A 51 39.27 14.02 17.69
C ALA A 51 38.17 13.43 18.56
N ILE A 52 37.27 12.66 17.95
CA ILE A 52 36.16 12.03 18.67
C ILE A 52 36.64 10.98 19.68
N ILE A 53 37.53 10.08 19.23
CA ILE A 53 38.11 9.06 20.10
C ILE A 53 38.95 9.70 21.21
N GLN A 54 39.64 10.80 20.88
CA GLN A 54 40.43 11.56 21.84
C GLN A 54 39.61 12.10 23.00
N GLY A 55 38.34 12.40 22.74
CA GLY A 55 37.43 12.90 23.76
C GLY A 55 36.78 11.80 24.58
N MET A 56 36.66 10.62 23.99
CA MET A 56 36.01 9.49 24.66
C MET A 56 36.98 8.64 25.49
N ARG A 57 38.27 8.74 25.19
CA ARG A 57 39.30 7.88 25.81
C ARG A 57 39.21 7.79 27.33
N LYS A 58 39.55 6.61 27.85
CA LYS A 58 39.58 6.33 29.29
C LYS A 58 40.39 7.39 30.06
N GLU A 59 41.44 7.89 29.42
CA GLU A 59 42.40 8.81 30.04
C GLU A 59 41.89 10.24 30.19
N GLU A 60 40.76 10.56 29.56
CA GLU A 60 40.13 11.88 29.68
C GLU A 60 39.39 12.00 31.00
N PRO A 61 39.80 12.98 31.85
CA PRO A 61 39.23 13.13 33.19
C PRO A 61 37.80 13.69 33.22
N SER A 62 37.47 14.57 32.27
CA SER A 62 36.18 15.25 32.25
C SER A 62 35.07 14.41 31.61
N ASN A 63 33.99 14.20 32.36
CA ASN A 63 32.83 13.46 31.88
C ASN A 63 32.01 14.25 30.86
N ASN A 64 32.05 15.58 30.96
CA ASN A 64 31.38 16.46 30.01
C ASN A 64 31.98 16.35 28.61
N VAL A 65 33.32 16.26 28.56
CA VAL A 65 34.05 16.08 27.31
C VAL A 65 33.76 14.70 26.72
N LYS A 66 33.64 13.70 27.60
CA LYS A 66 33.28 12.33 27.20
C LYS A 66 31.90 12.27 26.54
N LEU A 67 30.90 12.88 27.18
CA LEU A 67 29.53 12.91 26.67
C LEU A 67 29.43 13.61 25.31
N ALA A 68 30.11 14.75 25.19
CA ALA A 68 30.15 15.51 23.93
C ALA A 68 30.74 14.68 22.79
N ALA A 69 31.81 13.96 23.11
CA ALA A 69 32.51 13.12 22.13
C ALA A 69 31.73 11.85 21.78
N THR A 70 31.06 11.26 22.77
CA THR A 70 30.28 10.04 22.58
C THR A 70 29.05 10.32 21.71
N ASN A 71 28.42 11.47 21.94
CA ASN A 71 27.32 11.94 21.09
C ASN A 71 27.78 12.23 19.68
N ALA A 72 29.01 12.75 19.55
CA ALA A 72 29.61 13.05 18.25
C ALA A 72 29.91 11.79 17.45
N LEU A 73 30.23 10.69 18.15
CA LEU A 73 30.46 9.41 17.51
C LEU A 73 29.18 8.89 16.84
N LEU A 74 28.07 9.03 17.55
CA LEU A 74 26.75 8.60 17.07
C LEU A 74 26.41 9.18 15.71
N ASN A 75 26.70 10.47 15.53
CA ASN A 75 26.38 11.20 14.31
C ASN A 75 27.38 10.93 13.18
N SER A 76 28.56 10.45 13.54
CA SER A 76 29.63 10.23 12.57
C SER A 76 29.65 8.81 11.99
N LEU A 77 28.83 7.93 12.58
CA LEU A 77 28.80 6.51 12.17
C LEU A 77 28.34 6.28 10.73
N GLU A 78 27.73 7.31 10.14
CA GLU A 78 27.22 7.24 8.75
C GLU A 78 28.35 7.09 7.73
N PHE A 79 29.57 7.41 8.13
CA PHE A 79 30.71 7.43 7.22
C PHE A 79 32.01 6.94 7.88
N THR A 80 31.86 6.04 8.85
CA THR A 80 33.00 5.37 9.47
C THR A 80 33.21 4.00 8.83
N LYS A 81 32.49 3.76 7.73
CA LYS A 81 32.53 2.51 6.96
C LYS A 81 33.94 2.01 6.64
N ALA A 82 34.78 2.91 6.13
CA ALA A 82 36.16 2.56 5.75
C ALA A 82 37.03 2.24 6.97
N ASN A 83 36.73 2.91 8.08
CA ASN A 83 37.45 2.68 9.34
C ASN A 83 37.03 1.38 10.01
N PHE A 84 35.75 1.04 9.92
CA PHE A 84 35.22 -0.23 10.43
C PHE A 84 35.68 -1.42 9.60
N ASP A 85 36.14 -1.15 8.39
CA ASP A 85 36.62 -2.19 7.47
C ASP A 85 37.91 -2.84 7.96
N LYS A 86 38.88 -2.04 8.40
CA LYS A 86 40.14 -2.56 8.93
C LYS A 86 39.98 -2.96 10.40
N GLU A 87 40.39 -4.20 10.70
CA GLU A 87 40.11 -4.83 12.00
C GLU A 87 40.79 -4.17 13.20
N SER A 88 41.96 -3.57 12.97
CA SER A 88 42.72 -2.89 14.02
C SER A 88 42.04 -1.58 14.44
N GLU A 89 41.53 -0.85 13.45
CA GLU A 89 40.77 0.38 13.69
C GLU A 89 39.42 0.05 14.32
N ARG A 90 38.86 -1.10 13.95
CA ARG A 90 37.62 -1.61 14.52
C ARG A 90 37.84 -2.02 15.97
N HIS A 91 38.95 -2.69 16.23
CA HIS A 91 39.33 -3.14 17.57
C HIS A 91 39.51 -1.95 18.53
N PHE A 92 40.00 -0.83 17.99
CA PHE A 92 40.22 0.37 18.78
C PHE A 92 38.91 1.10 19.08
N ILE A 93 38.08 1.29 18.04
CA ILE A 93 36.78 1.95 18.18
C ILE A 93 35.88 1.19 19.16
N MET A 94 35.76 -0.12 18.97
CA MET A 94 34.93 -0.98 19.82
C MET A 94 35.34 -0.94 21.29
N GLN A 95 36.65 -1.02 21.54
CA GLN A 95 37.18 -0.98 22.89
C GLN A 95 36.84 0.34 23.59
N VAL A 96 36.95 1.45 22.85
CA VAL A 96 36.64 2.77 23.37
C VAL A 96 35.15 2.89 23.71
N VAL A 97 34.29 2.42 22.80
CA VAL A 97 32.85 2.42 23.04
C VAL A 97 32.48 1.55 24.24
N CYS A 98 33.04 0.34 24.28
CA CYS A 98 32.79 -0.61 25.38
C CYS A 98 33.26 -0.10 26.74
N GLU A 99 34.41 0.59 26.76
CA GLU A 99 34.91 1.20 27.99
C GLU A 99 34.08 2.40 28.41
N ALA A 100 33.46 3.06 27.44
CA ALA A 100 32.58 4.20 27.70
C ALA A 100 31.26 3.75 28.34
N THR A 101 30.86 2.50 28.09
CA THR A 101 29.63 1.94 28.67
C THR A 101 29.81 1.62 30.17
N GLN A 102 31.06 1.66 30.64
CA GLN A 102 31.35 1.37 32.05
C GLN A 102 31.63 2.63 32.86
N CYS A 103 31.39 3.79 32.24
CA CYS A 103 31.59 5.08 32.87
C CYS A 103 30.58 5.31 33.99
N PRO A 104 31.06 5.75 35.17
CA PRO A 104 30.22 6.10 36.33
C PRO A 104 29.09 7.08 36.01
N ASP A 105 29.33 7.99 35.06
CA ASP A 105 28.32 8.95 34.62
C ASP A 105 27.28 8.26 33.74
N THR A 106 26.01 8.48 34.08
CA THR A 106 24.88 7.85 33.38
C THR A 106 24.67 8.40 31.97
N ARG A 107 24.85 9.72 31.82
CA ARG A 107 24.64 10.39 30.54
C ARG A 107 25.57 9.83 29.45
N VAL A 108 26.82 9.56 29.83
CA VAL A 108 27.81 8.94 28.94
C VAL A 108 27.45 7.47 28.72
N ARG A 109 27.05 6.80 29.81
CA ARG A 109 26.66 5.39 29.77
C ARG A 109 25.58 5.12 28.73
N VAL A 110 24.55 5.96 28.72
CA VAL A 110 23.43 5.84 27.77
C VAL A 110 23.86 6.11 26.33
N ALA A 111 24.70 7.13 26.14
CA ALA A 111 25.19 7.51 24.82
C ALA A 111 26.15 6.45 24.24
N ALA A 112 26.92 5.82 25.12
CA ALA A 112 27.85 4.77 24.72
C ALA A 112 27.11 3.52 24.26
N LEU A 113 25.98 3.24 24.92
CA LEU A 113 25.10 2.14 24.53
C LEU A 113 24.32 2.47 23.26
N GLN A 114 23.97 3.74 23.09
CA GLN A 114 23.33 4.21 21.86
C GLN A 114 24.21 3.91 20.65
N ASN A 115 25.53 4.08 20.82
CA ASN A 115 26.50 3.74 19.80
C ASN A 115 26.50 2.25 19.45
N LEU A 116 26.55 1.40 20.46
CA LEU A 116 26.50 -0.05 20.26
C LEU A 116 25.25 -0.46 19.48
N VAL A 117 24.13 0.19 19.79
CA VAL A 117 22.87 -0.02 19.07
C VAL A 117 22.98 0.33 17.58
N LYS A 118 23.47 1.53 17.29
CA LYS A 118 23.54 2.01 15.92
C LYS A 118 24.62 1.30 15.10
N ILE A 119 25.74 0.98 15.76
CA ILE A 119 26.82 0.21 15.15
C ILE A 119 26.32 -1.20 14.79
N MET A 120 25.53 -1.79 15.67
CA MET A 120 24.90 -3.08 15.42
C MET A 120 23.93 -3.01 14.25
N SER A 121 23.22 -1.89 14.14
CA SER A 121 22.26 -1.66 13.07
C SER A 121 22.93 -1.45 11.71
N LEU A 122 24.16 -0.96 11.73
CA LEU A 122 24.88 -0.61 10.50
C LEU A 122 25.93 -1.66 10.10
N TYR A 123 26.72 -2.12 11.06
CA TYR A 123 27.86 -2.99 10.75
C TYR A 123 27.81 -4.33 11.47
N TYR A 124 26.77 -5.12 11.18
CA TYR A 124 26.62 -6.46 11.76
C TYR A 124 27.73 -7.40 11.27
N GLN A 125 28.00 -7.35 9.97
CA GLN A 125 28.98 -8.25 9.33
C GLN A 125 30.40 -8.12 9.90
N TYR A 126 30.75 -6.92 10.35
CA TYR A 126 32.08 -6.65 10.89
C TYR A 126 32.21 -7.06 12.37
N MET A 127 31.11 -7.50 12.96
CA MET A 127 31.12 -8.05 14.32
C MET A 127 31.44 -9.53 14.27
N GLU A 128 32.62 -9.89 14.76
CA GLU A 128 33.02 -11.30 14.87
C GLU A 128 32.44 -11.93 16.13
N THR A 129 32.36 -13.27 16.14
CA THR A 129 31.92 -14.04 17.31
C THR A 129 32.79 -13.73 18.54
N TYR A 130 34.04 -13.35 18.26
CA TYR A 130 34.97 -12.73 19.22
C TYR A 130 34.24 -11.72 20.12
N MET A 131 33.59 -10.74 19.50
CA MET A 131 32.88 -9.66 20.21
C MET A 131 31.56 -10.11 20.83
N GLY A 132 31.13 -11.32 20.48
CA GLY A 132 29.86 -11.90 20.95
C GLY A 132 29.58 -11.79 22.44
N PRO A 133 30.41 -12.44 23.28
CA PRO A 133 30.22 -12.42 24.74
C PRO A 133 30.46 -11.04 25.37
N ALA A 134 31.35 -10.24 24.78
CA ALA A 134 31.64 -8.90 25.28
C ALA A 134 30.40 -8.00 25.19
N LEU A 135 29.75 -8.02 24.03
CA LEU A 135 28.53 -7.25 23.78
C LEU A 135 27.34 -7.81 24.57
N PHE A 136 27.30 -9.12 24.73
CA PHE A 136 26.28 -9.80 25.51
C PHE A 136 26.27 -9.34 26.98
N ALA A 137 27.46 -9.26 27.56
CA ALA A 137 27.62 -8.89 28.97
C ALA A 137 27.22 -7.45 29.26
N ILE A 138 27.57 -6.54 28.35
CA ILE A 138 27.28 -5.11 28.53
C ILE A 138 25.79 -4.80 28.35
N THR A 139 25.18 -5.38 27.32
CA THR A 139 23.79 -5.10 26.97
C THR A 139 22.79 -5.78 27.91
N ILE A 140 23.12 -6.99 28.37
CA ILE A 140 22.32 -7.71 29.37
C ILE A 140 22.30 -6.98 30.71
N GLU A 141 23.46 -6.46 31.12
CA GLU A 141 23.56 -5.68 32.36
C GLU A 141 22.81 -4.35 32.25
N ALA A 142 22.86 -3.76 31.06
CA ALA A 142 22.10 -2.56 30.77
C ALA A 142 20.60 -2.81 30.93
N MET A 143 20.15 -3.97 30.46
CA MET A 143 18.75 -4.40 30.60
C MET A 143 18.31 -4.52 32.06
N LYS A 144 19.20 -5.05 32.90
CA LYS A 144 18.88 -5.32 34.30
C LYS A 144 18.99 -4.10 35.21
N SER A 145 19.39 -2.97 34.64
CA SER A 145 19.58 -1.72 35.40
C SER A 145 18.26 -1.14 35.86
N ASP A 146 18.31 -0.39 36.97
CA ASP A 146 17.15 0.31 37.49
C ASP A 146 16.84 1.62 36.75
N ILE A 147 17.87 2.25 36.19
CA ILE A 147 17.70 3.45 35.38
C ILE A 147 17.08 3.07 34.04
N ASP A 148 15.92 3.67 33.73
CA ASP A 148 15.12 3.32 32.55
C ASP A 148 15.78 3.66 31.21
N GLU A 149 16.42 4.82 31.14
CA GLU A 149 17.13 5.24 29.93
C GLU A 149 18.33 4.34 29.62
N VAL A 150 18.84 3.67 30.65
CA VAL A 150 19.88 2.65 30.49
C VAL A 150 19.28 1.34 30.01
N ALA A 151 18.12 0.99 30.58
CA ALA A 151 17.41 -0.24 30.23
C ALA A 151 16.94 -0.26 28.77
N LEU A 152 16.48 0.90 28.28
CA LEU A 152 15.97 1.03 26.91
C LEU A 152 17.00 0.75 25.83
N GLN A 153 18.26 1.11 26.11
CA GLN A 153 19.35 0.85 25.17
C GLN A 153 19.74 -0.62 25.09
N GLY A 154 19.67 -1.31 26.22
CA GLY A 154 19.93 -2.75 26.28
C GLY A 154 18.89 -3.56 25.52
N ILE A 155 17.64 -3.12 25.58
CA ILE A 155 16.53 -3.78 24.90
C ILE A 155 16.56 -3.49 23.40
N GLU A 156 16.82 -2.24 23.04
CA GLU A 156 16.88 -1.81 21.63
C GLU A 156 17.99 -2.52 20.87
N PHE A 157 19.12 -2.77 21.55
CA PHE A 157 20.26 -3.47 20.98
C PHE A 157 19.85 -4.83 20.40
N TRP A 158 19.11 -5.61 21.19
CA TRP A 158 18.68 -6.93 20.77
C TRP A 158 17.54 -6.91 19.76
N SER A 159 16.67 -5.91 19.87
CA SER A 159 15.64 -5.68 18.87
C SER A 159 16.28 -5.42 17.51
N ASN A 160 17.39 -4.68 17.50
CA ASN A 160 18.15 -4.44 16.29
C ASN A 160 18.90 -5.69 15.81
N VAL A 161 19.41 -6.48 16.74
CA VAL A 161 20.06 -7.77 16.43
C VAL A 161 19.04 -8.69 15.75
N CYS A 162 17.82 -8.73 16.29
CA CYS A 162 16.73 -9.52 15.73
C CYS A 162 16.40 -9.10 14.30
N ASP A 163 16.28 -7.79 14.08
CA ASP A 163 16.01 -7.25 12.75
C ASP A 163 17.04 -7.71 11.73
N GLU A 164 18.32 -7.61 12.11
CA GLU A 164 19.42 -7.98 11.22
C GLU A 164 19.44 -9.47 10.94
N GLU A 165 19.16 -10.28 11.96
CA GLU A 165 19.22 -11.74 11.83
C GLU A 165 17.99 -12.34 11.16
N MET A 166 16.88 -11.61 11.16
CA MET A 166 15.69 -12.00 10.40
C MET A 166 15.91 -11.84 8.90
N ASP A 167 16.51 -10.72 8.51
CA ASP A 167 16.86 -10.45 7.13
C ASP A 167 17.88 -11.45 6.62
N LEU A 168 18.80 -11.85 7.50
CA LEU A 168 19.81 -12.86 7.17
C LEU A 168 19.21 -14.25 7.04
N ALA A 169 18.20 -14.54 7.87
CA ALA A 169 17.45 -15.78 7.78
C ALA A 169 16.72 -15.87 6.43
N ILE A 170 16.13 -14.74 6.03
CA ILE A 170 15.52 -14.60 4.70
C ILE A 170 16.56 -14.75 3.60
N GLU A 171 17.70 -14.10 3.79
CA GLU A 171 18.81 -14.15 2.84
C GLU A 171 19.30 -15.59 2.65
N ALA A 172 19.37 -16.34 3.75
CA ALA A 172 19.82 -17.73 3.73
C ALA A 172 18.79 -18.68 3.12
N SER A 173 17.50 -18.37 3.33
CA SER A 173 16.41 -19.20 2.82
C SER A 173 16.30 -19.17 1.30
N GLU A 174 16.52 -17.99 0.72
CA GLU A 174 16.46 -17.81 -0.72
C GLU A 174 17.73 -18.32 -1.40
N ALA A 175 18.85 -18.26 -0.69
CA ALA A 175 20.13 -18.78 -1.18
C ALA A 175 20.08 -20.31 -1.29
N ALA A 176 19.38 -20.94 -0.35
CA ALA A 176 19.19 -22.39 -0.37
C ALA A 176 18.29 -22.83 -1.53
N GLU A 177 17.19 -22.11 -1.72
CA GLU A 177 16.26 -22.36 -2.84
C GLU A 177 16.95 -22.28 -4.19
N GLN A 178 17.79 -21.25 -4.36
CA GLN A 178 18.49 -20.99 -5.62
C GLN A 178 19.70 -21.90 -5.84
N GLY A 179 20.18 -22.52 -4.76
CA GLY A 179 21.39 -23.33 -4.81
C GLY A 179 22.62 -22.45 -4.81
N ARG A 180 22.67 -21.52 -3.85
CA ARG A 180 23.76 -20.56 -3.72
C ARG A 180 24.21 -20.46 -2.27
N PRO A 181 25.50 -20.14 -2.04
CA PRO A 181 25.92 -19.75 -0.69
C PRO A 181 25.38 -18.36 -0.36
N PRO A 182 24.86 -18.17 0.86
CA PRO A 182 24.37 -16.84 1.26
C PRO A 182 25.50 -15.80 1.19
N GLU A 183 25.16 -14.60 0.75
CA GLU A 183 26.15 -13.53 0.60
C GLU A 183 26.76 -13.15 1.95
N HIS A 184 25.92 -13.11 2.98
CA HIS A 184 26.37 -12.90 4.36
C HIS A 184 25.72 -13.93 5.27
N THR A 185 26.50 -14.41 6.25
CA THR A 185 26.04 -15.46 7.16
C THR A 185 25.76 -14.94 8.57
N SER A 186 24.58 -15.30 9.08
CA SER A 186 24.16 -14.96 10.45
C SER A 186 25.07 -15.62 11.48
N LYS A 187 25.29 -14.92 12.59
CA LYS A 187 26.10 -15.46 13.69
C LYS A 187 25.24 -15.92 14.86
N PHE A 188 23.93 -15.70 14.74
CA PHE A 188 22.92 -16.21 15.68
C PHE A 188 23.14 -15.79 17.14
N TYR A 189 23.41 -14.50 17.34
CA TYR A 189 23.55 -13.92 18.68
C TYR A 189 22.26 -14.00 19.48
N ALA A 190 21.13 -13.76 18.81
CA ALA A 190 19.81 -13.81 19.43
C ALA A 190 19.46 -15.19 19.97
N LYS A 191 19.73 -16.23 19.17
CA LYS A 191 19.53 -17.62 19.59
C LYS A 191 20.34 -17.98 20.82
N GLY A 192 21.60 -17.52 20.87
CA GLY A 192 22.51 -17.82 21.96
C GLY A 192 22.27 -17.05 23.24
N ALA A 193 21.56 -15.94 23.14
CA ALA A 193 21.26 -15.11 24.31
C ALA A 193 19.82 -15.28 24.78
N LEU A 194 19.03 -16.02 23.99
CA LEU A 194 17.60 -16.23 24.25
C LEU A 194 17.31 -16.78 25.66
N GLN A 195 18.14 -17.72 26.12
CA GLN A 195 18.06 -18.27 27.48
C GLN A 195 17.93 -17.18 28.54
N TYR A 196 18.75 -16.15 28.38
CA TYR A 196 18.91 -15.10 29.39
C TYR A 196 18.05 -13.89 29.10
N LEU A 197 17.74 -13.68 27.82
CA LEU A 197 16.94 -12.53 27.37
C LEU A 197 15.49 -12.57 27.86
N VAL A 198 14.86 -13.73 27.70
CA VAL A 198 13.43 -13.91 27.99
C VAL A 198 13.03 -13.66 29.46
N PRO A 199 13.78 -14.23 30.43
CA PRO A 199 13.44 -13.98 31.84
C PRO A 199 13.45 -12.49 32.21
N ILE A 200 14.39 -11.74 31.62
CA ILE A 200 14.49 -10.30 31.85
C ILE A 200 13.31 -9.56 31.20
N LEU A 201 13.03 -9.88 29.94
CA LEU A 201 11.96 -9.21 29.18
C LEU A 201 10.57 -9.47 29.76
N THR A 202 10.32 -10.70 30.21
CA THR A 202 9.06 -11.04 30.88
C THR A 202 8.90 -10.27 32.18
N GLN A 203 10.02 -10.04 32.87
CA GLN A 203 10.03 -9.29 34.12
C GLN A 203 9.88 -7.78 33.88
N THR A 204 10.36 -7.31 32.74
CA THR A 204 10.24 -5.90 32.35
C THR A 204 8.80 -5.59 31.93
N LEU A 205 8.05 -6.62 31.52
CA LEU A 205 6.63 -6.49 31.16
C LEU A 205 5.78 -6.15 32.39
N THR A 206 6.35 -6.35 33.57
CA THR A 206 5.67 -6.11 34.84
C THR A 206 5.78 -4.65 35.29
N LYS A 207 6.62 -3.87 34.62
CA LYS A 207 6.85 -2.47 34.98
C LYS A 207 6.06 -1.52 34.07
N GLN A 208 4.75 -1.74 33.97
CA GLN A 208 3.90 -0.86 33.17
C GLN A 208 3.68 0.46 33.89
N ASP A 209 3.57 1.54 33.13
CA ASP A 209 3.27 2.85 33.69
C ASP A 209 1.79 2.90 34.09
N GLU A 210 1.53 2.67 35.38
CA GLU A 210 0.16 2.64 35.92
C GLU A 210 -0.66 3.86 35.46
N ASN A 211 0.00 5.01 35.45
CA ASN A 211 -0.54 6.21 34.81
C ASN A 211 -0.29 6.11 33.31
N ASP A 212 -1.24 5.49 32.61
CA ASP A 212 -1.10 5.14 31.19
C ASP A 212 -1.02 6.34 30.23
N ASP A 213 -0.19 6.19 29.20
CA ASP A 213 -0.02 7.20 28.15
C ASP A 213 0.61 6.59 26.89
N ASP A 214 -0.01 6.85 25.74
CA ASP A 214 0.43 6.24 24.48
C ASP A 214 1.65 6.91 23.83
N ASP A 215 1.83 8.20 24.10
CA ASP A 215 2.99 8.94 23.57
C ASP A 215 4.30 8.53 24.25
N ASP A 216 4.21 8.14 25.51
CA ASP A 216 5.38 7.74 26.30
C ASP A 216 5.91 6.37 25.88
N TRP A 217 7.22 6.29 25.66
CA TRP A 217 7.90 5.06 25.25
C TRP A 217 8.89 4.63 26.33
N ASN A 218 8.59 3.51 26.97
CA ASN A 218 9.33 3.05 28.15
C ASN A 218 9.80 1.60 28.03
N PRO A 219 10.73 1.16 28.91
CA PRO A 219 11.27 -0.20 28.88
C PRO A 219 10.23 -1.32 28.79
N CYS A 220 9.06 -1.11 29.39
CA CYS A 220 7.99 -2.12 29.39
C CYS A 220 7.46 -2.39 27.98
N LYS A 221 7.22 -1.33 27.22
CA LYS A 221 6.75 -1.45 25.83
C LYS A 221 7.83 -2.03 24.92
N ALA A 222 9.06 -1.57 25.13
CA ALA A 222 10.22 -2.02 24.37
C ALA A 222 10.45 -3.52 24.54
N ALA A 223 10.23 -4.01 25.77
CA ALA A 223 10.33 -5.43 26.08
C ALA A 223 9.34 -6.27 25.27
N GLY A 224 8.10 -5.78 25.17
CA GLY A 224 7.06 -6.44 24.40
C GLY A 224 7.42 -6.57 22.92
N VAL A 225 7.93 -5.48 22.37
CA VAL A 225 8.39 -5.45 20.98
C VAL A 225 9.59 -6.37 20.80
N CYS A 226 10.47 -6.40 21.81
CA CYS A 226 11.66 -7.24 21.79
C CYS A 226 11.34 -8.72 21.77
N LEU A 227 10.44 -9.15 22.66
CA LEU A 227 9.98 -10.55 22.69
C LEU A 227 9.31 -10.95 21.37
N MET A 228 8.58 -10.00 20.79
CA MET A 228 7.90 -10.21 19.50
C MET A 228 8.92 -10.42 18.39
N LEU A 229 9.97 -9.59 18.39
CA LEU A 229 11.03 -9.70 17.40
C LEU A 229 11.92 -10.91 17.67
N LEU A 230 12.01 -11.33 18.93
CA LEU A 230 12.72 -12.57 19.28
C LEU A 230 11.95 -13.80 18.82
N ALA A 231 10.62 -13.73 18.87
CA ALA A 231 9.75 -14.82 18.45
C ALA A 231 9.83 -15.06 16.94
N THR A 232 9.83 -13.98 16.16
CA THR A 232 9.96 -14.08 14.70
C THR A 232 11.39 -14.39 14.27
N CYS A 233 12.37 -14.01 15.09
CA CYS A 233 13.77 -14.27 14.79
C CYS A 233 14.19 -15.69 15.15
N CYS A 234 13.79 -16.15 16.34
CA CYS A 234 14.24 -17.44 16.86
C CYS A 234 13.20 -18.56 16.73
N GLU A 235 11.99 -18.19 16.31
CA GLU A 235 10.89 -19.13 16.03
C GLU A 235 10.56 -20.07 17.21
N ASP A 236 10.60 -21.39 16.95
CA ASP A 236 10.21 -22.39 17.94
C ASP A 236 11.11 -22.44 19.18
N ASP A 237 12.33 -21.90 19.07
CA ASP A 237 13.28 -21.88 20.18
C ASP A 237 12.74 -21.13 21.40
N ILE A 238 11.98 -20.07 21.15
CA ILE A 238 11.48 -19.20 22.21
C ILE A 238 10.43 -19.85 23.11
N VAL A 239 9.69 -20.81 22.57
CA VAL A 239 8.52 -21.37 23.26
C VAL A 239 8.80 -21.88 24.69
N PRO A 240 9.73 -22.85 24.85
CA PRO A 240 10.02 -23.37 26.19
C PRO A 240 10.53 -22.33 27.21
N HIS A 241 10.95 -21.17 26.73
CA HIS A 241 11.49 -20.13 27.60
C HIS A 241 10.43 -19.15 28.10
N VAL A 242 9.33 -19.00 27.36
CA VAL A 242 8.28 -18.04 27.68
C VAL A 242 7.07 -18.71 28.32
N LEU A 243 6.79 -19.95 27.91
CA LEU A 243 5.59 -20.67 28.32
C LEU A 243 5.43 -20.89 29.85
N PRO A 244 6.51 -21.29 30.57
CA PRO A 244 6.37 -21.49 32.01
C PRO A 244 6.03 -20.21 32.79
N PHE A 245 6.48 -19.07 32.27
CA PHE A 245 6.13 -17.76 32.82
C PHE A 245 4.64 -17.47 32.62
N ILE A 246 4.18 -17.69 31.39
CA ILE A 246 2.77 -17.49 31.01
C ILE A 246 1.85 -18.35 31.88
N LYS A 247 2.11 -19.66 31.91
CA LYS A 247 1.29 -20.62 32.65
C LYS A 247 1.23 -20.36 34.16
N GLU A 248 2.30 -19.79 34.71
CA GLU A 248 2.38 -19.53 36.14
C GLU A 248 1.71 -18.22 36.55
N HIS A 249 1.69 -17.25 35.64
CA HIS A 249 1.25 -15.90 35.97
C HIS A 249 -0.07 -15.47 35.31
N ILE A 250 -0.65 -16.35 34.51
CA ILE A 250 -1.91 -16.07 33.81
C ILE A 250 -3.09 -15.84 34.77
N LYS A 251 -2.96 -16.35 36.00
CA LYS A 251 -3.98 -16.16 37.03
C LYS A 251 -3.41 -15.56 38.32
N ASN A 252 -2.36 -14.75 38.15
CA ASN A 252 -1.73 -14.04 39.25
C ASN A 252 -2.67 -12.95 39.80
N PRO A 253 -2.85 -12.90 41.14
CA PRO A 253 -3.62 -11.84 41.79
C PRO A 253 -3.13 -10.43 41.44
N ASP A 254 -1.82 -10.26 41.29
CA ASP A 254 -1.21 -9.01 40.84
C ASP A 254 -1.51 -8.79 39.36
N TRP A 255 -2.15 -7.67 39.04
CA TRP A 255 -2.53 -7.37 37.66
C TRP A 255 -1.33 -7.19 36.73
N ARG A 256 -0.21 -6.73 37.30
CA ARG A 256 0.99 -6.46 36.51
C ARG A 256 1.61 -7.75 35.97
N TYR A 257 1.50 -8.82 36.74
CA TYR A 257 2.00 -10.13 36.32
C TYR A 257 1.00 -10.83 35.41
N ARG A 258 -0.27 -10.68 35.73
CA ARG A 258 -1.36 -11.22 34.91
C ARG A 258 -1.33 -10.60 33.52
N ASP A 259 -1.06 -9.30 33.46
CA ASP A 259 -0.95 -8.57 32.19
C ASP A 259 0.27 -9.02 31.40
N ALA A 260 1.36 -9.29 32.12
CA ALA A 260 2.60 -9.77 31.51
C ALA A 260 2.42 -11.14 30.87
N ALA A 261 1.60 -11.99 31.50
CA ALA A 261 1.33 -13.34 30.99
C ALA A 261 0.58 -13.31 29.66
N VAL A 262 -0.47 -12.48 29.57
CA VAL A 262 -1.26 -12.37 28.35
C VAL A 262 -0.46 -11.71 27.22
N MET A 263 0.41 -10.77 27.60
CA MET A 263 1.28 -10.09 26.64
C MET A 263 2.30 -11.04 26.04
N ALA A 264 3.06 -11.71 26.91
CA ALA A 264 4.09 -12.66 26.49
C ALA A 264 3.54 -13.70 25.53
N PHE A 265 2.36 -14.24 25.85
CA PHE A 265 1.68 -15.22 25.00
C PHE A 265 1.33 -14.62 23.64
N GLY A 266 0.79 -13.40 23.66
CA GLY A 266 0.46 -12.68 22.43
C GLY A 266 1.69 -12.37 21.59
N CYS A 267 2.83 -12.19 22.25
CA CYS A 267 4.08 -11.85 21.58
C CYS A 267 4.68 -13.01 20.79
N ILE A 268 4.43 -14.24 21.24
CA ILE A 268 5.04 -15.43 20.64
C ILE A 268 4.17 -16.11 19.57
N LEU A 269 3.11 -15.43 19.14
CA LEU A 269 2.12 -16.01 18.24
C LEU A 269 2.51 -16.02 16.76
N GLU A 270 3.59 -15.32 16.42
CA GLU A 270 4.17 -15.41 15.09
C GLU A 270 5.66 -15.74 15.18
N GLY A 271 6.08 -16.72 14.40
CA GLY A 271 7.46 -17.19 14.44
C GLY A 271 7.53 -18.70 14.63
N PRO A 272 7.14 -19.19 15.82
CA PRO A 272 7.02 -20.63 16.05
C PRO A 272 6.01 -21.27 15.09
N GLU A 273 6.19 -22.55 14.81
CA GLU A 273 5.30 -23.27 13.90
C GLU A 273 3.88 -23.34 14.43
N PRO A 274 2.90 -22.88 13.64
CA PRO A 274 1.48 -22.88 13.99
C PRO A 274 0.96 -24.20 14.56
N SER A 275 1.60 -25.31 14.20
CA SER A 275 1.24 -26.63 14.72
C SER A 275 1.52 -26.79 16.23
N GLN A 276 2.46 -25.99 16.74
CA GLN A 276 2.71 -25.91 18.18
C GLN A 276 1.71 -24.96 18.86
N LEU A 277 1.46 -23.83 18.20
CA LEU A 277 0.71 -22.73 18.81
C LEU A 277 -0.78 -22.99 18.89
N LYS A 278 -1.32 -23.74 17.92
CA LYS A 278 -2.76 -24.03 17.87
C LYS A 278 -3.29 -24.78 19.10
N PRO A 279 -2.66 -25.91 19.49
CA PRO A 279 -3.15 -26.57 20.71
C PRO A 279 -3.00 -25.71 21.96
N LEU A 280 -1.97 -24.85 21.98
CA LEU A 280 -1.75 -23.94 23.10
C LEU A 280 -2.83 -22.86 23.21
N VAL A 281 -3.23 -22.32 22.05
CA VAL A 281 -4.35 -21.38 21.99
C VAL A 281 -5.63 -22.05 22.49
N ILE A 282 -5.89 -23.26 22.01
CA ILE A 282 -7.05 -24.06 22.44
C ILE A 282 -7.01 -24.28 23.95
N GLN A 283 -5.83 -24.59 24.47
CA GLN A 283 -5.64 -24.78 25.92
C GLN A 283 -5.89 -23.49 26.69
N ALA A 284 -5.50 -22.36 26.12
CA ALA A 284 -5.55 -21.06 26.80
C ALA A 284 -6.89 -20.34 26.63
N MET A 285 -7.75 -20.86 25.76
CA MET A 285 -9.02 -20.19 25.42
C MET A 285 -9.96 -19.86 26.58
N PRO A 286 -10.28 -20.85 27.44
CA PRO A 286 -11.16 -20.53 28.57
C PRO A 286 -10.61 -19.38 29.44
N THR A 287 -9.32 -19.43 29.74
CA THR A 287 -8.64 -18.41 30.51
C THR A 287 -8.63 -17.07 29.77
N LEU A 288 -8.45 -17.13 28.45
CA LEU A 288 -8.48 -15.93 27.60
C LEU A 288 -9.83 -15.23 27.63
N ILE A 289 -10.91 -16.01 27.61
CA ILE A 289 -12.28 -15.48 27.72
C ILE A 289 -12.51 -14.84 29.10
N GLU A 290 -11.93 -15.42 30.14
CA GLU A 290 -11.96 -14.84 31.49
C GLU A 290 -11.25 -13.48 31.52
N LEU A 291 -10.05 -13.43 30.95
CA LEU A 291 -9.23 -12.22 30.96
C LEU A 291 -9.84 -11.06 30.19
N MET A 292 -10.83 -11.37 29.36
CA MET A 292 -11.62 -10.34 28.68
C MET A 292 -12.51 -9.60 29.69
N LYS A 293 -12.97 -10.32 30.70
CA LYS A 293 -13.81 -9.75 31.76
C LYS A 293 -13.01 -9.36 33.01
N ASP A 294 -11.70 -9.25 32.87
CA ASP A 294 -10.81 -8.90 33.99
C ASP A 294 -11.19 -7.55 34.59
N PRO A 295 -11.13 -7.41 35.92
CA PRO A 295 -11.40 -6.10 36.53
C PRO A 295 -10.45 -5.00 36.07
N SER A 296 -9.17 -5.36 35.87
CA SER A 296 -8.14 -4.40 35.45
C SER A 296 -8.28 -4.00 33.99
N VAL A 297 -8.34 -2.68 33.76
CA VAL A 297 -8.43 -2.09 32.43
C VAL A 297 -7.23 -2.47 31.55
N VAL A 298 -6.05 -2.56 32.18
CA VAL A 298 -4.80 -2.89 31.48
C VAL A 298 -4.82 -4.32 30.94
N VAL A 299 -5.28 -5.26 31.77
CA VAL A 299 -5.32 -6.67 31.38
C VAL A 299 -6.30 -6.91 30.22
N ARG A 300 -7.49 -6.33 30.31
CA ARG A 300 -8.50 -6.41 29.25
C ARG A 300 -7.95 -5.96 27.89
N ASP A 301 -7.28 -4.81 27.91
CA ASP A 301 -6.64 -4.22 26.74
C ASP A 301 -5.67 -5.20 26.06
N THR A 302 -4.87 -5.88 26.88
CA THR A 302 -3.89 -6.85 26.40
C THR A 302 -4.57 -8.16 26.00
N ALA A 303 -5.64 -8.52 26.70
CA ALA A 303 -6.39 -9.73 26.39
C ALA A 303 -7.07 -9.61 25.04
N ALA A 304 -7.70 -8.46 24.78
CA ALA A 304 -8.34 -8.17 23.50
C ALA A 304 -7.34 -8.21 22.36
N TRP A 305 -6.15 -7.66 22.60
CA TRP A 305 -5.08 -7.67 21.61
C TRP A 305 -4.55 -9.08 21.34
N THR A 306 -4.46 -9.90 22.39
CA THR A 306 -4.03 -11.30 22.25
C THR A 306 -5.06 -12.10 21.46
N VAL A 307 -6.34 -12.00 21.85
CA VAL A 307 -7.43 -12.64 21.11
C VAL A 307 -7.46 -12.16 19.66
N GLY A 308 -7.37 -10.83 19.49
CA GLY A 308 -7.34 -10.22 18.17
C GLY A 308 -6.16 -10.65 17.31
N ARG A 309 -5.08 -11.08 17.97
CA ARG A 309 -3.90 -11.55 17.27
C ARG A 309 -3.98 -13.04 16.98
N ILE A 310 -4.72 -13.77 17.82
CA ILE A 310 -4.99 -15.19 17.57
C ILE A 310 -5.85 -15.34 16.30
N CYS A 311 -6.86 -14.49 16.18
CA CYS A 311 -7.79 -14.53 15.05
C CYS A 311 -7.12 -14.26 13.71
N GLU A 312 -6.10 -13.41 13.72
CA GLU A 312 -5.36 -13.07 12.50
C GLU A 312 -4.34 -14.14 12.14
N LEU A 313 -3.45 -14.46 13.08
CA LEU A 313 -2.31 -15.34 12.83
C LEU A 313 -2.65 -16.83 12.82
N LEU A 314 -3.64 -17.22 13.62
CA LEU A 314 -4.00 -18.63 13.77
C LEU A 314 -5.52 -18.86 13.69
N PRO A 315 -6.12 -18.60 12.50
CA PRO A 315 -7.58 -18.60 12.35
C PRO A 315 -8.26 -19.91 12.70
N GLU A 316 -7.64 -21.04 12.33
CA GLU A 316 -8.21 -22.36 12.57
C GLU A 316 -8.49 -22.63 14.04
N ALA A 317 -7.73 -21.99 14.92
CA ALA A 317 -7.92 -22.14 16.36
C ALA A 317 -9.04 -21.24 16.88
N ALA A 318 -9.17 -20.06 16.27
CA ALA A 318 -10.21 -19.08 16.65
C ALA A 318 -11.61 -19.65 16.40
N ILE A 319 -11.79 -20.30 15.26
CA ILE A 319 -12.99 -21.09 14.97
C ILE A 319 -12.86 -22.40 15.72
N ASN A 320 -13.85 -22.71 16.55
CA ASN A 320 -13.83 -23.94 17.32
C ASN A 320 -15.24 -24.26 17.79
N ASP A 321 -15.76 -25.39 17.31
CA ASP A 321 -17.10 -25.84 17.68
C ASP A 321 -17.29 -25.84 19.21
N VAL A 322 -16.17 -25.79 19.94
CA VAL A 322 -16.19 -25.78 21.39
C VAL A 322 -16.21 -24.37 21.97
N TYR A 323 -15.27 -23.52 21.53
CA TYR A 323 -15.07 -22.21 22.15
C TYR A 323 -15.61 -21.00 21.36
N LEU A 324 -16.04 -21.21 20.12
CA LEU A 324 -16.52 -20.13 19.28
C LEU A 324 -17.70 -19.36 19.89
N ALA A 325 -18.69 -20.10 20.38
CA ALA A 325 -19.88 -19.48 20.98
C ALA A 325 -19.55 -18.56 22.16
N PRO A 326 -18.85 -19.09 23.20
CA PRO A 326 -18.42 -18.20 24.28
C PRO A 326 -17.39 -17.14 23.87
N LEU A 327 -16.65 -17.40 22.80
CA LEU A 327 -15.71 -16.40 22.26
C LEU A 327 -16.46 -15.21 21.65
N LEU A 328 -17.40 -15.52 20.76
CA LEU A 328 -18.23 -14.49 20.13
C LEU A 328 -19.05 -13.72 21.16
N GLN A 329 -19.51 -14.42 22.19
CA GLN A 329 -20.33 -13.81 23.24
C GLN A 329 -19.57 -12.77 24.07
N CYS A 330 -18.28 -13.02 24.32
CA CYS A 330 -17.48 -12.08 25.11
C CYS A 330 -16.94 -10.93 24.26
N LEU A 331 -16.78 -11.18 22.96
CA LEU A 331 -16.37 -10.14 22.03
C LEU A 331 -17.47 -9.09 21.81
N ILE A 332 -18.72 -9.55 21.85
CA ILE A 332 -19.89 -8.65 21.79
C ILE A 332 -19.87 -7.64 22.95
N GLU A 333 -19.68 -8.15 24.16
CA GLU A 333 -19.62 -7.32 25.36
C GLU A 333 -18.40 -6.41 25.39
N GLY A 334 -17.33 -6.85 24.71
CA GLY A 334 -16.09 -6.07 24.60
C GLY A 334 -16.23 -4.80 23.77
N LEU A 335 -17.27 -4.75 22.94
CA LEU A 335 -17.58 -3.55 22.15
C LEU A 335 -18.18 -2.45 23.02
N SER A 336 -18.62 -2.81 24.22
CA SER A 336 -19.16 -1.85 25.18
C SER A 336 -18.10 -1.39 26.18
N ALA A 337 -16.88 -1.89 26.03
CA ALA A 337 -15.76 -1.51 26.89
C ALA A 337 -15.08 -0.24 26.39
N GLU A 338 -14.00 0.15 27.05
CA GLU A 338 -13.22 1.32 26.66
C GLU A 338 -12.51 1.12 25.32
N PRO A 339 -12.32 2.21 24.55
CA PRO A 339 -11.71 2.19 23.20
C PRO A 339 -10.39 1.40 23.10
N ARG A 340 -9.65 1.31 24.20
CA ARG A 340 -8.46 0.45 24.26
C ARG A 340 -8.81 -0.99 23.91
N VAL A 341 -9.90 -1.47 24.51
CA VAL A 341 -10.35 -2.85 24.35
C VAL A 341 -11.15 -3.02 23.06
N ALA A 342 -12.15 -2.16 22.86
CA ALA A 342 -13.11 -2.29 21.77
C ALA A 342 -12.50 -2.31 20.37
N SER A 343 -11.42 -1.55 20.18
CA SER A 343 -10.73 -1.48 18.89
C SER A 343 -10.15 -2.83 18.47
N ASN A 344 -9.51 -3.51 19.42
CA ASN A 344 -8.96 -4.84 19.17
C ASN A 344 -10.06 -5.89 18.96
N VAL A 345 -11.20 -5.68 19.61
CA VAL A 345 -12.37 -6.52 19.41
C VAL A 345 -12.87 -6.39 17.96
N CYS A 346 -12.90 -5.15 17.45
CA CYS A 346 -13.24 -4.88 16.05
C CYS A 346 -12.31 -5.64 15.12
N TRP A 347 -11.01 -5.55 15.42
CA TRP A 347 -9.97 -6.25 14.66
C TRP A 347 -10.16 -7.75 14.69
N ALA A 348 -10.61 -8.27 15.83
CA ALA A 348 -10.85 -9.69 16.01
C ALA A 348 -12.01 -10.18 15.14
N PHE A 349 -13.09 -9.40 15.09
CA PHE A 349 -14.26 -9.73 14.28
C PHE A 349 -13.93 -9.77 12.78
N SER A 350 -13.17 -8.79 12.31
CA SER A 350 -12.80 -8.71 10.90
C SER A 350 -12.00 -9.94 10.46
N SER A 351 -11.10 -10.39 11.32
CA SER A 351 -10.32 -11.60 11.08
C SER A 351 -11.17 -12.86 11.20
N LEU A 352 -12.12 -12.86 12.13
CA LEU A 352 -13.04 -13.99 12.29
C LEU A 352 -13.93 -14.17 11.08
N ALA A 353 -14.43 -13.05 10.53
CA ALA A 353 -15.28 -13.06 9.34
C ALA A 353 -14.55 -13.66 8.14
N GLU A 354 -13.30 -13.25 7.94
CA GLU A 354 -12.46 -13.76 6.87
C GLU A 354 -12.16 -15.24 7.07
N ALA A 355 -11.90 -15.62 8.33
CA ALA A 355 -11.61 -17.00 8.71
C ALA A 355 -12.81 -17.91 8.47
N ALA A 356 -13.99 -17.48 8.93
CA ALA A 356 -15.23 -18.23 8.80
C ALA A 356 -15.71 -18.34 7.34
N TYR A 357 -15.41 -17.32 6.55
CA TYR A 357 -15.75 -17.32 5.12
C TYR A 357 -14.88 -18.30 4.34
N GLU A 358 -13.57 -18.23 4.57
CA GLU A 358 -12.61 -19.10 3.90
C GLU A 358 -12.86 -20.57 4.17
N ALA A 359 -13.30 -20.86 5.40
CA ALA A 359 -13.57 -22.22 5.84
C ALA A 359 -14.88 -22.76 5.28
N ALA A 360 -15.83 -21.87 5.03
CA ALA A 360 -17.19 -22.23 4.60
C ALA A 360 -17.25 -23.00 3.28
N ASP A 361 -18.14 -23.99 3.23
CA ASP A 361 -18.33 -24.80 2.04
C ASP A 361 -19.06 -24.04 0.93
N VAL A 362 -18.50 -24.09 -0.27
CA VAL A 362 -19.09 -23.45 -1.44
C VAL A 362 -19.30 -24.50 -2.53
N ALA A 363 -20.55 -24.82 -2.84
CA ALA A 363 -20.88 -25.78 -3.89
C ALA A 363 -20.13 -25.45 -5.17
N ASP A 364 -19.50 -26.46 -5.77
CA ASP A 364 -18.65 -26.29 -6.96
C ASP A 364 -19.43 -26.02 -8.25
N ASP A 365 -20.43 -25.16 -8.12
CA ASP A 365 -21.26 -24.68 -9.21
C ASP A 365 -21.86 -23.35 -8.76
N GLN A 366 -21.60 -23.00 -7.50
CA GLN A 366 -22.13 -21.80 -6.88
C GLN A 366 -21.04 -20.77 -6.55
N GLU A 367 -21.49 -19.54 -6.37
CA GLU A 367 -20.60 -18.40 -6.12
C GLU A 367 -20.26 -18.23 -4.63
N GLU A 368 -21.28 -18.22 -3.79
CA GLU A 368 -21.12 -17.94 -2.36
C GLU A 368 -21.56 -19.12 -1.50
N PRO A 369 -21.06 -19.20 -0.24
CA PRO A 369 -21.52 -20.25 0.67
C PRO A 369 -22.93 -19.96 1.15
N ALA A 370 -23.71 -21.02 1.35
CA ALA A 370 -25.09 -20.89 1.83
C ALA A 370 -25.15 -20.55 3.32
N THR A 371 -24.21 -21.11 4.08
CA THR A 371 -24.13 -20.90 5.52
C THR A 371 -22.68 -20.96 5.99
N TYR A 372 -22.39 -20.28 7.11
CA TYR A 372 -21.08 -20.37 7.76
C TYR A 372 -21.20 -20.19 9.27
N CYS A 373 -20.12 -20.50 10.01
CA CYS A 373 -20.19 -20.61 11.46
C CYS A 373 -20.45 -19.29 12.23
N LEU A 374 -20.66 -18.19 11.49
CA LEU A 374 -21.02 -16.92 12.10
C LEU A 374 -22.49 -16.54 11.86
N SER A 375 -23.21 -17.37 11.11
CA SER A 375 -24.60 -17.11 10.75
C SER A 375 -25.51 -16.87 11.96
N SER A 376 -25.37 -17.73 12.99
CA SER A 376 -26.16 -17.60 14.21
C SER A 376 -25.95 -16.28 14.92
N SER A 377 -24.70 -15.79 14.89
CA SER A 377 -24.32 -14.58 15.61
C SER A 377 -24.29 -13.34 14.71
N PHE A 378 -24.45 -13.54 13.40
CA PHE A 378 -24.27 -12.47 12.41
C PHE A 378 -25.06 -11.20 12.70
N GLU A 379 -26.37 -11.33 12.83
CA GLU A 379 -27.26 -10.20 13.05
C GLU A 379 -26.92 -9.44 14.32
N LEU A 380 -26.58 -10.16 15.38
CA LEU A 380 -26.24 -9.55 16.66
C LEU A 380 -24.91 -8.79 16.60
N ILE A 381 -23.90 -9.40 15.99
CA ILE A 381 -22.56 -8.79 15.96
C ILE A 381 -22.49 -7.59 15.00
N VAL A 382 -23.30 -7.62 13.96
CA VAL A 382 -23.32 -6.55 12.98
C VAL A 382 -24.11 -5.34 13.49
N GLN A 383 -24.99 -5.56 14.46
CA GLN A 383 -25.78 -4.50 15.10
C GLN A 383 -24.97 -3.75 16.16
N LYS A 384 -24.19 -4.50 16.94
CA LYS A 384 -23.36 -3.93 18.01
C LYS A 384 -22.17 -3.15 17.46
N LEU A 385 -21.73 -3.50 16.25
CA LEU A 385 -20.68 -2.76 15.58
C LEU A 385 -21.15 -1.40 15.07
N LEU A 386 -22.42 -1.32 14.67
CA LEU A 386 -23.05 -0.06 14.25
C LEU A 386 -23.27 0.87 15.44
N GLU A 387 -23.58 0.29 16.60
CA GLU A 387 -23.73 1.06 17.82
C GLU A 387 -22.37 1.57 18.32
N THR A 388 -21.34 0.77 18.08
CA THR A 388 -19.96 1.14 18.34
C THR A 388 -19.56 2.36 17.51
N THR A 389 -20.13 2.42 16.31
CA THR A 389 -19.95 3.57 15.41
C THR A 389 -20.53 4.86 16.00
N ASP A 390 -21.69 4.75 16.64
CA ASP A 390 -22.39 5.90 17.21
C ASP A 390 -21.76 6.42 18.51
N ARG A 391 -20.76 5.71 19.00
CA ARG A 391 -20.06 6.10 20.24
C ARG A 391 -19.29 7.41 20.08
N PRO A 392 -19.66 8.43 20.89
CA PRO A 392 -19.07 9.77 20.83
C PRO A 392 -17.59 9.84 21.20
N ASP A 393 -17.03 8.73 21.69
CA ASP A 393 -15.60 8.66 22.02
C ASP A 393 -14.81 7.90 20.94
N GLY A 394 -15.45 7.66 19.80
CA GLY A 394 -14.87 6.85 18.73
C GLY A 394 -13.58 7.37 18.12
N HIS A 395 -13.26 8.63 18.40
CA HIS A 395 -12.04 9.26 17.90
C HIS A 395 -10.79 8.61 18.50
N GLN A 396 -10.80 8.41 19.82
CA GLN A 396 -9.65 7.86 20.54
C GLN A 396 -9.47 6.36 20.30
N ASN A 397 -8.20 5.95 20.20
CA ASN A 397 -7.81 4.58 19.84
C ASN A 397 -8.29 4.18 18.43
N ASN A 398 -8.74 5.16 17.65
CA ASN A 398 -9.33 4.95 16.33
C ASN A 398 -10.43 3.88 16.30
N LEU A 399 -11.35 3.97 17.26
CA LEU A 399 -12.45 3.01 17.40
C LEU A 399 -13.41 3.09 16.23
N ARG A 400 -13.77 4.32 15.83
CA ARG A 400 -14.75 4.56 14.76
C ARG A 400 -14.30 3.96 13.43
N SER A 401 -13.02 4.15 13.10
CA SER A 401 -12.45 3.58 11.88
C SER A 401 -12.37 2.06 11.95
N SER A 402 -12.04 1.54 13.12
CA SER A 402 -11.98 0.09 13.35
C SER A 402 -13.36 -0.56 13.24
N ALA A 403 -14.39 0.16 13.68
CA ALA A 403 -15.77 -0.34 13.65
C ALA A 403 -16.30 -0.43 12.21
N TYR A 404 -16.08 0.62 11.43
CA TYR A 404 -16.49 0.65 10.02
C TYR A 404 -15.74 -0.39 9.19
N GLU A 405 -14.43 -0.49 9.43
CA GLU A 405 -13.59 -1.49 8.76
C GLU A 405 -14.13 -2.90 9.01
N SER A 406 -14.48 -3.18 10.26
CA SER A 406 -15.09 -4.45 10.63
C SER A 406 -16.41 -4.64 9.90
N LEU A 407 -17.34 -3.71 10.11
CA LEU A 407 -18.67 -3.75 9.51
C LEU A 407 -18.62 -4.11 8.04
N MET A 408 -17.71 -3.46 7.31
CA MET A 408 -17.54 -3.71 5.88
C MET A 408 -17.02 -5.13 5.63
N GLU A 409 -15.95 -5.50 6.33
CA GLU A 409 -15.33 -6.81 6.19
C GLU A 409 -16.31 -7.95 6.49
N ILE A 410 -17.09 -7.78 7.56
CA ILE A 410 -18.13 -8.75 7.96
C ILE A 410 -19.18 -8.88 6.85
N VAL A 411 -19.60 -7.73 6.30
CA VAL A 411 -20.61 -7.69 5.25
C VAL A 411 -20.10 -8.30 3.94
N LYS A 412 -18.83 -8.04 3.61
CA LYS A 412 -18.18 -8.68 2.47
C LYS A 412 -18.05 -10.19 2.64
N ASN A 413 -17.43 -10.60 3.75
CA ASN A 413 -17.21 -12.00 4.04
C ASN A 413 -18.37 -12.59 4.83
N SER A 414 -19.44 -12.90 4.10
CA SER A 414 -20.71 -13.31 4.68
C SER A 414 -21.37 -14.42 3.88
N ALA A 415 -22.22 -15.21 4.56
CA ALA A 415 -22.98 -16.28 3.92
C ALA A 415 -24.33 -15.78 3.42
N LYS A 416 -25.01 -16.61 2.63
CA LYS A 416 -26.28 -16.24 2.00
C LYS A 416 -27.43 -16.04 2.99
N ASP A 417 -27.42 -16.80 4.08
CA ASP A 417 -28.45 -16.67 5.12
C ASP A 417 -28.20 -15.45 6.02
N CYS A 418 -27.24 -14.62 5.62
CA CYS A 418 -26.94 -13.37 6.31
C CYS A 418 -27.33 -12.17 5.46
N TYR A 419 -27.72 -12.42 4.22
CA TYR A 419 -28.01 -11.38 3.23
C TYR A 419 -29.06 -10.32 3.64
N PRO A 420 -30.16 -10.73 4.30
CA PRO A 420 -31.08 -9.72 4.85
C PRO A 420 -30.39 -8.75 5.82
N ALA A 421 -29.57 -9.28 6.72
CA ALA A 421 -28.79 -8.48 7.65
C ALA A 421 -27.68 -7.70 6.96
N VAL A 422 -27.10 -8.30 5.91
CA VAL A 422 -26.09 -7.63 5.08
C VAL A 422 -26.71 -6.40 4.44
N GLN A 423 -27.87 -6.57 3.81
CA GLN A 423 -28.56 -5.51 3.11
C GLN A 423 -28.99 -4.37 4.04
N LYS A 424 -29.50 -4.72 5.21
CA LYS A 424 -29.95 -3.74 6.20
C LYS A 424 -28.80 -2.88 6.72
N THR A 425 -27.70 -3.52 7.08
CA THR A 425 -26.56 -2.83 7.69
C THR A 425 -25.76 -2.03 6.68
N THR A 426 -25.70 -2.51 5.43
CA THR A 426 -24.99 -1.78 4.38
C THR A 426 -25.75 -0.52 3.93
N LEU A 427 -27.07 -0.51 4.11
CA LEU A 427 -27.87 0.68 3.87
C LEU A 427 -27.48 1.78 4.85
N VAL A 428 -27.29 1.39 6.11
CA VAL A 428 -26.93 2.31 7.18
C VAL A 428 -25.54 2.90 6.94
N ILE A 429 -24.59 2.04 6.58
CA ILE A 429 -23.22 2.46 6.27
C ILE A 429 -23.21 3.48 5.13
N MET A 430 -24.00 3.23 4.09
CA MET A 430 -24.08 4.11 2.93
C MET A 430 -24.83 5.42 3.21
N GLU A 431 -25.67 5.41 4.25
CA GLU A 431 -26.34 6.63 4.73
C GLU A 431 -25.31 7.60 5.30
N ARG A 432 -24.25 7.03 5.88
CA ARG A 432 -23.18 7.79 6.51
C ARG A 432 -21.94 7.82 5.62
N LEU A 433 -22.16 7.91 4.32
CA LEU A 433 -21.08 7.85 3.32
C LEU A 433 -20.13 9.04 3.44
N GLN A 434 -20.69 10.18 3.87
CA GLN A 434 -19.94 11.42 4.01
C GLN A 434 -18.85 11.33 5.07
N GLN A 435 -19.21 10.90 6.28
CA GLN A 435 -18.24 10.79 7.37
C GLN A 435 -17.31 9.59 7.24
N VAL A 436 -17.70 8.59 6.45
CA VAL A 436 -16.81 7.48 6.10
C VAL A 436 -15.74 7.98 5.12
N LEU A 437 -16.15 8.82 4.18
CA LEU A 437 -15.23 9.49 3.25
C LEU A 437 -14.27 10.46 3.95
N GLN A 438 -14.82 11.33 4.79
CA GLN A 438 -14.05 12.37 5.48
C GLN A 438 -13.24 11.83 6.68
N MET A 439 -13.04 10.51 6.70
CA MET A 439 -12.38 9.84 7.82
C MET A 439 -10.90 9.57 7.50
N PHE A 452 -7.38 3.33 7.85
CA PHE A 452 -6.74 4.61 7.55
C PHE A 452 -7.07 5.06 6.12
N ASN A 453 -6.13 4.83 5.19
CA ASN A 453 -6.29 5.22 3.79
C ASN A 453 -6.95 4.13 2.95
N ASP A 454 -6.74 2.88 3.33
CA ASP A 454 -7.36 1.72 2.68
C ASP A 454 -8.87 1.65 2.93
N LEU A 455 -9.34 2.42 3.91
CA LEU A 455 -10.75 2.46 4.29
C LEU A 455 -11.65 2.84 3.11
N GLN A 456 -11.18 3.77 2.28
CA GLN A 456 -11.92 4.22 1.10
C GLN A 456 -11.97 3.16 0.00
N SER A 457 -10.84 2.49 -0.22
CA SER A 457 -10.76 1.42 -1.22
C SER A 457 -11.55 0.18 -0.78
N LEU A 458 -11.55 -0.08 0.52
CA LEU A 458 -12.31 -1.18 1.11
C LEU A 458 -13.81 -0.89 1.09
N LEU A 459 -14.15 0.39 1.16
CA LEU A 459 -15.54 0.84 1.03
C LEU A 459 -16.07 0.65 -0.39
N CYS A 460 -15.24 1.00 -1.38
CA CYS A 460 -15.58 0.78 -2.78
C CYS A 460 -15.66 -0.70 -3.12
N ALA A 461 -14.78 -1.49 -2.52
CA ALA A 461 -14.75 -2.94 -2.72
C ALA A 461 -16.00 -3.62 -2.16
N THR A 462 -16.39 -3.22 -0.95
CA THR A 462 -17.58 -3.79 -0.30
C THR A 462 -18.87 -3.42 -1.02
N LEU A 463 -18.98 -2.14 -1.40
CA LEU A 463 -20.12 -1.67 -2.18
C LEU A 463 -20.24 -2.46 -3.49
N GLN A 464 -19.11 -2.62 -4.17
CA GLN A 464 -19.01 -3.45 -5.37
C GLN A 464 -19.46 -4.87 -5.06
N ASN A 465 -18.96 -5.43 -3.96
CA ASN A 465 -19.27 -6.78 -3.53
C ASN A 465 -20.76 -7.01 -3.22
N VAL A 466 -21.33 -6.12 -2.41
CA VAL A 466 -22.72 -6.26 -1.96
C VAL A 466 -23.71 -6.19 -3.11
N LEU A 467 -23.59 -5.14 -3.93
CA LEU A 467 -24.44 -4.92 -5.09
C LEU A 467 -24.58 -6.13 -6.01
N ARG A 468 -23.48 -6.88 -6.14
CA ARG A 468 -23.44 -8.03 -7.04
C ARG A 468 -24.16 -9.25 -6.47
N LYS A 469 -24.05 -9.45 -5.15
CA LYS A 469 -24.56 -10.67 -4.53
C LYS A 469 -26.00 -10.57 -4.00
N VAL A 470 -26.43 -9.36 -3.65
CA VAL A 470 -27.81 -9.17 -3.17
C VAL A 470 -28.79 -9.20 -4.35
N GLN A 471 -30.07 -9.39 -4.04
CA GLN A 471 -31.12 -9.35 -5.05
C GLN A 471 -31.21 -7.96 -5.69
N HIS A 472 -31.45 -7.94 -7.00
CA HIS A 472 -31.34 -6.74 -7.82
C HIS A 472 -32.08 -5.51 -7.29
N GLN A 473 -33.32 -5.71 -6.81
CA GLN A 473 -34.13 -4.60 -6.29
C GLN A 473 -33.54 -4.00 -5.02
N ASP A 474 -32.83 -4.84 -4.25
CA ASP A 474 -32.15 -4.40 -3.04
C ASP A 474 -30.86 -3.65 -3.35
N ALA A 475 -30.23 -3.98 -4.47
CA ALA A 475 -29.05 -3.27 -4.96
C ALA A 475 -29.43 -1.87 -5.45
N LEU A 476 -30.62 -1.75 -6.03
CA LEU A 476 -31.17 -0.47 -6.47
C LEU A 476 -31.46 0.46 -5.30
N GLN A 477 -31.92 -0.13 -4.19
CA GLN A 477 -32.19 0.63 -2.98
C GLN A 477 -30.89 1.15 -2.36
N ILE A 478 -29.85 0.32 -2.38
CA ILE A 478 -28.52 0.71 -1.88
C ILE A 478 -27.96 1.84 -2.76
N SER A 479 -28.08 1.68 -4.07
CA SER A 479 -27.64 2.68 -5.04
C SER A 479 -28.33 4.02 -4.80
N ASP A 480 -29.62 3.96 -4.49
CA ASP A 480 -30.42 5.15 -4.17
C ASP A 480 -29.88 5.89 -2.95
N VAL A 481 -29.40 5.14 -1.97
CA VAL A 481 -28.85 5.70 -0.73
C VAL A 481 -27.48 6.33 -0.96
N VAL A 482 -26.61 5.61 -1.65
CA VAL A 482 -25.27 6.08 -2.00
C VAL A 482 -25.33 7.43 -2.72
N MET A 483 -26.16 7.52 -3.75
CA MET A 483 -26.31 8.76 -4.52
C MET A 483 -27.01 9.85 -3.73
N ALA A 484 -27.93 9.45 -2.84
CA ALA A 484 -28.60 10.41 -1.96
C ALA A 484 -27.61 11.05 -1.00
N SER A 485 -26.65 10.26 -0.53
CA SER A 485 -25.61 10.74 0.37
C SER A 485 -24.59 11.62 -0.34
N LEU A 486 -24.19 11.22 -1.55
CA LEU A 486 -23.19 11.95 -2.32
C LEU A 486 -23.71 13.28 -2.85
N LEU A 487 -24.97 13.30 -3.29
CA LEU A 487 -25.59 14.53 -3.80
C LEU A 487 -25.82 15.54 -2.68
N ARG A 488 -26.13 15.05 -1.48
CA ARG A 488 -26.22 15.89 -0.30
C ARG A 488 -24.84 16.41 0.10
N MET A 489 -23.83 15.54 0.00
CA MET A 489 -22.46 15.88 0.35
C MET A 489 -21.93 17.06 -0.47
N PHE A 490 -21.97 16.93 -1.80
CA PHE A 490 -21.49 17.96 -2.71
C PHE A 490 -22.20 19.30 -2.47
N GLN A 491 -23.50 19.22 -2.25
CA GLN A 491 -24.37 20.39 -2.17
C GLN A 491 -24.32 21.08 -0.80
N SER A 492 -23.89 20.35 0.23
CA SER A 492 -23.85 20.88 1.60
C SER A 492 -22.47 21.38 2.01
N THR A 493 -21.51 20.45 2.13
CA THR A 493 -20.16 20.80 2.55
C THR A 493 -19.35 21.41 1.41
N ALA A 494 -18.27 22.11 1.78
CA ALA A 494 -17.42 22.83 0.83
C ALA A 494 -16.93 21.96 -0.34
N GLY A 495 -16.03 21.02 -0.05
CA GLY A 495 -15.50 20.13 -1.08
C GLY A 495 -13.99 20.10 -1.10
N SER A 496 -13.41 19.25 -0.26
CA SER A 496 -11.96 19.04 -0.19
C SER A 496 -11.47 18.21 -1.38
N GLY A 497 -10.25 18.48 -1.82
CA GLY A 497 -9.66 17.82 -2.99
C GLY A 497 -9.53 16.31 -2.89
N GLY A 498 -9.05 15.84 -1.74
CA GLY A 498 -8.94 14.41 -1.46
C GLY A 498 -10.31 13.76 -1.28
N VAL A 499 -11.22 14.50 -0.64
CA VAL A 499 -12.60 14.05 -0.42
C VAL A 499 -13.37 13.90 -1.74
N GLN A 500 -13.28 14.91 -2.60
CA GLN A 500 -13.97 14.87 -3.90
C GLN A 500 -13.49 13.73 -4.81
N GLU A 501 -12.18 13.50 -4.82
CA GLU A 501 -11.60 12.42 -5.61
C GLU A 501 -12.16 11.07 -5.17
N ASP A 502 -12.19 10.86 -3.85
CA ASP A 502 -12.75 9.62 -3.27
C ASP A 502 -14.24 9.50 -3.56
N ALA A 503 -14.93 10.63 -3.62
CA ALA A 503 -16.35 10.67 -3.93
C ALA A 503 -16.62 10.31 -5.40
N LEU A 504 -15.73 10.75 -6.29
CA LEU A 504 -15.83 10.44 -7.71
C LEU A 504 -15.52 8.97 -7.99
N MET A 505 -14.50 8.45 -7.32
CA MET A 505 -14.14 7.04 -7.41
C MET A 505 -15.26 6.15 -6.86
N ALA A 506 -15.98 6.66 -5.86
CA ALA A 506 -17.17 5.99 -5.34
C ALA A 506 -18.25 5.94 -6.42
N VAL A 507 -18.47 7.05 -7.11
CA VAL A 507 -19.42 7.11 -8.23
C VAL A 507 -19.02 6.11 -9.32
N SER A 508 -17.71 6.07 -9.63
CA SER A 508 -17.17 5.14 -10.62
C SER A 508 -17.58 3.70 -10.34
N THR A 509 -17.48 3.29 -9.08
CA THR A 509 -17.83 1.93 -8.65
C THR A 509 -19.30 1.64 -8.93
N LEU A 510 -20.18 2.52 -8.47
CA LEU A 510 -21.62 2.34 -8.65
C LEU A 510 -22.00 2.26 -10.13
N VAL A 511 -21.40 3.13 -10.95
CA VAL A 511 -21.61 3.19 -12.39
C VAL A 511 -21.19 1.87 -13.07
N GLU A 512 -20.01 1.38 -12.71
CA GLU A 512 -19.46 0.14 -13.28
C GLU A 512 -20.33 -1.07 -12.99
N VAL A 513 -21.01 -1.06 -11.84
CA VAL A 513 -21.89 -2.16 -11.44
C VAL A 513 -23.30 -1.98 -11.99
N LEU A 514 -23.84 -0.76 -11.91
CA LEU A 514 -25.22 -0.49 -12.33
C LEU A 514 -25.43 -0.50 -13.84
N GLY A 515 -24.43 -0.03 -14.59
CA GLY A 515 -24.54 0.08 -16.04
C GLY A 515 -25.58 1.11 -16.44
N GLY A 516 -26.44 0.73 -17.38
CA GLY A 516 -27.46 1.62 -17.93
C GLY A 516 -28.51 2.11 -16.94
N GLU A 517 -28.64 1.40 -15.83
CA GLU A 517 -29.62 1.74 -14.79
C GLU A 517 -29.20 2.95 -13.94
N PHE A 518 -27.95 3.41 -14.15
CA PHE A 518 -27.43 4.61 -13.49
C PHE A 518 -28.08 5.89 -14.04
N LEU A 519 -28.74 5.77 -15.19
CA LEU A 519 -29.40 6.89 -15.85
C LEU A 519 -30.38 7.65 -14.93
N LYS A 520 -30.91 6.95 -13.94
CA LYS A 520 -31.76 7.56 -12.89
C LYS A 520 -31.08 8.80 -12.30
N TYR A 521 -29.80 8.66 -11.99
CA TYR A 521 -29.05 9.65 -11.22
C TYR A 521 -28.34 10.69 -12.07
N MET A 522 -28.37 10.51 -13.39
CA MET A 522 -27.58 11.34 -14.30
C MET A 522 -27.94 12.82 -14.26
N GLU A 523 -29.23 13.12 -14.09
CA GLU A 523 -29.71 14.50 -14.00
C GLU A 523 -29.14 15.26 -12.81
N ALA A 524 -29.28 14.70 -11.62
CA ALA A 524 -28.87 15.37 -10.39
C ALA A 524 -27.36 15.44 -10.21
N PHE A 525 -26.63 14.62 -10.97
CA PHE A 525 -25.19 14.48 -10.81
C PHE A 525 -24.37 15.34 -11.78
N LYS A 526 -24.92 15.61 -12.96
CA LYS A 526 -24.19 16.31 -14.03
C LYS A 526 -23.52 17.64 -13.64
N PRO A 527 -24.13 18.44 -12.73
CA PRO A 527 -23.42 19.66 -12.32
C PRO A 527 -22.12 19.33 -11.60
N PHE A 528 -22.16 18.34 -10.72
CA PHE A 528 -21.02 17.98 -9.88
C PHE A 528 -19.95 17.24 -10.66
N LEU A 529 -20.37 16.53 -11.72
CA LEU A 529 -19.43 15.98 -12.70
C LEU A 529 -18.73 17.12 -13.44
N GLY A 530 -19.48 18.18 -13.72
CA GLY A 530 -18.96 19.37 -14.39
C GLY A 530 -17.92 20.10 -13.58
N ILE A 531 -18.15 20.19 -12.27
CA ILE A 531 -17.21 20.80 -11.33
C ILE A 531 -15.88 20.04 -11.34
N GLY A 532 -15.96 18.72 -11.47
CA GLY A 532 -14.78 17.86 -11.54
C GLY A 532 -13.96 18.08 -12.80
N LEU A 533 -14.66 18.22 -13.93
CA LEU A 533 -14.01 18.45 -15.21
C LEU A 533 -13.47 19.88 -15.32
N LYS A 534 -14.09 20.80 -14.56
CA LYS A 534 -13.65 22.20 -14.53
C LYS A 534 -12.50 22.46 -13.54
N ASN A 535 -12.19 21.47 -12.71
CA ASN A 535 -11.14 21.63 -11.70
C ASN A 535 -9.73 21.48 -12.28
N TYR A 536 -9.20 22.59 -12.81
CA TYR A 536 -7.87 22.60 -13.42
C TYR A 536 -6.76 22.57 -12.39
N ALA A 537 -7.00 23.23 -11.25
CA ALA A 537 -5.99 23.39 -10.20
C ALA A 537 -5.59 22.07 -9.53
N GLU A 538 -6.59 21.22 -9.27
CA GLU A 538 -6.36 19.92 -8.66
C GLU A 538 -6.66 18.82 -9.69
N TYR A 539 -5.63 18.47 -10.47
CA TYR A 539 -5.79 17.58 -11.62
C TYR A 539 -6.17 16.14 -11.29
N GLN A 540 -5.90 15.70 -10.06
CA GLN A 540 -6.28 14.35 -9.64
C GLN A 540 -7.79 14.18 -9.62
N VAL A 541 -8.49 15.22 -9.15
CA VAL A 541 -9.95 15.29 -9.20
C VAL A 541 -10.41 15.30 -10.67
N CYS A 542 -9.69 16.05 -11.48
CA CYS A 542 -9.98 16.17 -12.91
C CYS A 542 -9.86 14.83 -13.61
N LEU A 543 -8.74 14.14 -13.38
CA LEU A 543 -8.46 12.83 -13.99
C LEU A 543 -9.54 11.81 -13.64
N ALA A 544 -9.98 11.84 -12.39
CA ALA A 544 -11.08 11.00 -11.91
C ALA A 544 -12.40 11.33 -12.62
N ALA A 545 -12.68 12.63 -12.77
CA ALA A 545 -13.87 13.06 -13.51
C ALA A 545 -13.80 12.65 -14.99
N VAL A 546 -12.62 12.79 -15.58
CA VAL A 546 -12.39 12.34 -16.95
C VAL A 546 -12.62 10.83 -17.06
N GLY A 547 -12.08 10.08 -16.10
CA GLY A 547 -12.25 8.62 -16.04
C GLY A 547 -13.71 8.20 -15.92
N LEU A 548 -14.49 8.95 -15.14
CA LEU A 548 -15.90 8.66 -14.91
C LEU A 548 -16.73 8.78 -16.17
N VAL A 549 -16.40 9.77 -17.01
CA VAL A 549 -17.10 9.98 -18.29
C VAL A 549 -17.02 8.72 -19.15
N GLY A 550 -15.83 8.13 -19.20
CA GLY A 550 -15.60 6.87 -19.92
C GLY A 550 -16.43 5.74 -19.37
N ASP A 551 -16.50 5.66 -18.04
CA ASP A 551 -17.31 4.65 -17.36
C ASP A 551 -18.78 4.86 -17.69
N LEU A 552 -19.21 6.12 -17.71
CA LEU A 552 -20.57 6.50 -18.06
C LEU A 552 -20.89 6.16 -19.50
N CYS A 553 -19.90 6.30 -20.38
CA CYS A 553 -20.06 5.97 -21.80
C CYS A 553 -20.36 4.49 -22.01
N ARG A 554 -19.69 3.64 -21.23
CA ARG A 554 -19.90 2.19 -21.29
C ARG A 554 -21.20 1.78 -20.60
N ALA A 555 -21.58 2.53 -19.57
CA ALA A 555 -22.78 2.24 -18.79
C ALA A 555 -24.04 2.66 -19.54
N LEU A 556 -24.13 3.95 -19.86
CA LEU A 556 -25.34 4.53 -20.46
C LEU A 556 -25.38 4.38 -21.98
N GLN A 557 -24.21 4.20 -22.59
CA GLN A 557 -24.06 4.04 -24.04
C GLN A 557 -24.65 5.22 -24.82
N SER A 558 -25.67 4.95 -25.63
CA SER A 558 -26.30 6.00 -26.43
C SER A 558 -27.25 6.89 -25.61
N ASN A 559 -27.52 6.48 -24.36
CA ASN A 559 -28.35 7.28 -23.47
C ASN A 559 -27.62 8.49 -22.87
N ILE A 560 -26.32 8.58 -23.14
CA ILE A 560 -25.51 9.73 -22.70
C ILE A 560 -25.63 10.93 -23.67
N ILE A 561 -26.24 10.71 -24.82
CA ILE A 561 -26.42 11.75 -25.86
C ILE A 561 -26.84 13.13 -25.32
N PRO A 562 -27.95 13.20 -24.53
CA PRO A 562 -28.38 14.53 -24.07
C PRO A 562 -27.45 15.17 -23.03
N PHE A 563 -26.39 14.46 -22.66
CA PHE A 563 -25.43 14.98 -21.68
C PHE A 563 -24.08 15.30 -22.33
N CYS A 564 -23.97 15.00 -23.62
CA CYS A 564 -22.71 15.14 -24.36
C CYS A 564 -22.32 16.57 -24.70
N ASP A 565 -23.31 17.39 -25.10
CA ASP A 565 -23.06 18.79 -25.42
C ASP A 565 -22.25 19.51 -24.35
N GLU A 566 -22.67 19.37 -23.09
CA GLU A 566 -21.98 20.00 -21.97
C GLU A 566 -20.63 19.33 -21.69
N VAL A 567 -20.62 18.00 -21.58
CA VAL A 567 -19.40 17.24 -21.32
C VAL A 567 -18.31 17.54 -22.35
N MET A 568 -18.67 17.49 -23.63
CA MET A 568 -17.77 17.83 -24.72
C MET A 568 -17.23 19.25 -24.62
N GLN A 569 -18.09 20.20 -24.24
CA GLN A 569 -17.69 21.59 -24.01
C GLN A 569 -16.62 21.71 -22.94
N LEU A 570 -16.86 21.07 -21.80
CA LEU A 570 -15.92 21.09 -20.67
C LEU A 570 -14.59 20.45 -21.04
N LEU A 571 -14.64 19.33 -21.76
CA LEU A 571 -13.44 18.61 -22.18
C LEU A 571 -12.59 19.38 -23.18
N LEU A 572 -13.25 20.15 -24.04
CA LEU A 572 -12.56 20.96 -25.04
C LEU A 572 -11.98 22.25 -24.44
N GLU A 573 -12.67 22.81 -23.45
CA GLU A 573 -12.16 23.98 -22.73
C GLU A 573 -10.95 23.61 -21.87
N ASN A 574 -11.00 22.39 -21.33
CA ASN A 574 -9.89 21.85 -20.53
C ASN A 574 -8.61 21.72 -21.36
N LEU A 575 -8.76 21.21 -22.59
CA LEU A 575 -7.65 21.07 -23.52
C LEU A 575 -7.06 22.42 -23.93
N GLY A 576 -7.93 23.42 -24.08
CA GLY A 576 -7.53 24.76 -24.50
C GLY A 576 -6.83 25.57 -23.42
N ASN A 577 -6.98 25.13 -22.17
CA ASN A 577 -6.32 25.75 -21.03
C ASN A 577 -4.86 25.31 -20.93
N GLU A 578 -3.96 26.29 -20.96
CA GLU A 578 -2.52 26.03 -20.99
C GLU A 578 -1.92 25.60 -19.65
N ASN A 579 -2.68 25.77 -18.58
CA ASN A 579 -2.17 25.51 -17.22
C ASN A 579 -2.58 24.18 -16.61
N VAL A 580 -3.18 23.30 -17.41
CA VAL A 580 -3.60 21.99 -16.94
C VAL A 580 -2.44 21.00 -17.03
N HIS A 581 -2.19 20.29 -15.93
CA HIS A 581 -1.15 19.25 -15.87
C HIS A 581 -1.26 18.30 -17.06
N ARG A 582 -0.10 17.93 -17.60
CA ARG A 582 -0.02 17.13 -18.83
C ARG A 582 -0.73 15.78 -18.76
N SER A 583 -0.95 15.27 -17.55
CA SER A 583 -1.60 13.97 -17.34
C SER A 583 -3.03 13.93 -17.87
N VAL A 584 -3.69 15.09 -17.87
CA VAL A 584 -5.10 15.18 -18.22
C VAL A 584 -5.35 15.03 -19.72
N LYS A 585 -4.49 15.67 -20.53
CA LYS A 585 -4.64 15.67 -21.99
C LYS A 585 -4.90 14.29 -22.60
N PRO A 586 -3.97 13.32 -22.41
CA PRO A 586 -4.16 12.00 -23.03
C PRO A 586 -5.42 11.28 -22.57
N GLN A 587 -5.84 11.52 -21.33
CA GLN A 587 -7.05 10.90 -20.80
C GLN A 587 -8.31 11.43 -21.47
N ILE A 588 -8.32 12.73 -21.77
CA ILE A 588 -9.42 13.37 -22.48
C ILE A 588 -9.52 12.84 -23.91
N LEU A 589 -8.37 12.62 -24.55
CA LEU A 589 -8.34 12.09 -25.91
C LEU A 589 -8.92 10.68 -25.95
N SER A 590 -8.48 9.83 -25.02
CA SER A 590 -9.03 8.49 -24.86
C SER A 590 -10.54 8.49 -24.65
N VAL A 591 -11.02 9.44 -23.85
CA VAL A 591 -12.46 9.52 -23.55
C VAL A 591 -13.29 10.04 -24.72
N PHE A 592 -12.65 10.79 -25.64
CA PHE A 592 -13.28 11.18 -26.89
C PHE A 592 -13.67 9.93 -27.69
N GLY A 593 -12.80 8.93 -27.62
CA GLY A 593 -13.04 7.63 -28.23
C GLY A 593 -14.20 6.90 -27.60
N ASP A 594 -14.30 6.99 -26.26
CA ASP A 594 -15.40 6.37 -25.51
C ASP A 594 -16.74 7.03 -25.83
N ILE A 595 -16.71 8.34 -26.05
CA ILE A 595 -17.92 9.10 -26.40
C ILE A 595 -18.39 8.72 -27.81
N ALA A 596 -17.48 8.78 -28.78
CA ALA A 596 -17.78 8.42 -30.16
C ALA A 596 -18.28 6.99 -30.29
N LEU A 597 -17.73 6.10 -29.46
CA LEU A 597 -18.13 4.70 -29.43
C LEU A 597 -19.53 4.54 -28.84
N ALA A 598 -19.90 5.45 -27.94
CA ALA A 598 -21.19 5.38 -27.25
C ALA A 598 -22.33 6.02 -28.05
N ILE A 599 -22.09 7.18 -28.65
CA ILE A 599 -23.15 7.95 -29.29
C ILE A 599 -23.34 7.70 -30.79
N GLY A 600 -22.36 7.02 -31.39
CA GLY A 600 -22.43 6.62 -32.79
C GLY A 600 -22.42 7.79 -33.75
N GLY A 601 -23.45 7.85 -34.60
CA GLY A 601 -23.58 8.92 -35.60
C GLY A 601 -23.80 10.30 -35.02
N GLU A 602 -24.26 10.37 -33.78
CA GLU A 602 -24.47 11.62 -33.06
C GLU A 602 -23.17 12.42 -32.90
N PHE A 603 -22.03 11.72 -33.00
CA PHE A 603 -20.71 12.33 -32.86
C PHE A 603 -20.37 13.31 -33.99
N LYS A 604 -21.04 13.18 -35.13
CA LYS A 604 -20.85 14.07 -36.29
C LYS A 604 -20.82 15.55 -35.90
N LYS A 605 -21.61 15.89 -34.90
CA LYS A 605 -21.68 17.24 -34.35
C LYS A 605 -20.32 17.74 -33.83
N TYR A 606 -19.54 16.84 -33.23
CA TYR A 606 -18.25 17.18 -32.64
C TYR A 606 -17.05 16.82 -33.52
N LEU A 607 -17.29 16.01 -34.55
CA LEU A 607 -16.24 15.38 -35.36
C LEU A 607 -15.09 16.29 -35.81
N GLU A 608 -15.41 17.36 -36.53
CA GLU A 608 -14.40 18.27 -37.09
C GLU A 608 -13.33 18.73 -36.08
N VAL A 609 -13.81 19.26 -34.95
CA VAL A 609 -12.93 19.81 -33.92
C VAL A 609 -12.11 18.72 -33.22
N VAL A 610 -12.71 17.54 -33.02
CA VAL A 610 -12.01 16.41 -32.42
C VAL A 610 -10.88 15.92 -33.31
N LEU A 611 -11.19 15.71 -34.59
CA LEU A 611 -10.19 15.28 -35.57
C LEU A 611 -9.03 16.29 -35.70
N ASN A 612 -9.36 17.58 -35.60
CA ASN A 612 -8.35 18.63 -35.65
C ASN A 612 -7.47 18.68 -34.39
N THR A 613 -8.07 18.32 -33.25
CA THR A 613 -7.36 18.22 -31.99
C THR A 613 -6.41 17.01 -32.00
N LEU A 614 -6.91 15.87 -32.48
CA LEU A 614 -6.13 14.64 -32.57
C LEU A 614 -4.95 14.78 -33.52
N GLN A 615 -5.16 15.51 -34.62
CA GLN A 615 -4.12 15.77 -35.60
C GLN A 615 -2.96 16.58 -35.00
N GLN A 616 -3.29 17.61 -34.23
CA GLN A 616 -2.31 18.45 -33.58
C GLN A 616 -1.56 17.68 -32.49
N ALA A 617 -2.31 16.90 -31.71
CA ALA A 617 -1.74 16.10 -30.62
C ALA A 617 -0.84 14.98 -31.12
N SER A 618 -1.16 14.44 -32.30
CA SER A 618 -0.38 13.37 -32.90
C SER A 618 0.99 13.83 -33.37
N GLN A 619 1.05 15.08 -33.81
CA GLN A 619 2.29 15.65 -34.35
C GLN A 619 3.20 16.23 -33.28
N ALA A 620 2.74 16.23 -32.03
CA ALA A 620 3.52 16.70 -30.90
C ALA A 620 4.76 15.83 -30.71
N GLN A 621 5.87 16.48 -30.35
CA GLN A 621 7.14 15.77 -30.19
C GLN A 621 7.96 16.35 -29.04
N VAL A 622 8.68 15.46 -28.36
CA VAL A 622 9.63 15.84 -27.30
C VAL A 622 11.04 15.39 -27.70
N ASP A 623 12.06 15.94 -27.06
CA ASP A 623 13.44 15.59 -27.38
C ASP A 623 13.83 14.21 -26.83
N LYS A 624 14.81 13.58 -27.49
CA LYS A 624 15.24 12.22 -27.18
C LYS A 624 15.76 12.05 -25.74
N SER A 625 16.47 13.07 -25.25
CA SER A 625 17.16 13.02 -23.95
C SER A 625 16.25 12.82 -22.74
N ASP A 626 15.14 13.56 -22.71
CA ASP A 626 14.23 13.54 -21.57
C ASP A 626 13.53 12.18 -21.48
N TYR A 627 13.92 11.41 -20.47
CA TYR A 627 13.40 10.05 -20.26
C TYR A 627 11.92 10.06 -19.86
N ASP A 628 11.53 11.07 -19.08
CA ASP A 628 10.15 11.23 -18.64
C ASP A 628 9.20 11.62 -19.77
N MET A 629 9.64 12.58 -20.59
CA MET A 629 8.83 13.10 -21.69
C MET A 629 8.61 12.09 -22.81
N VAL A 630 9.59 11.19 -23.01
CA VAL A 630 9.48 10.11 -23.98
C VAL A 630 8.40 9.10 -23.54
N ASP A 631 8.31 8.87 -22.24
CA ASP A 631 7.26 8.05 -21.66
C ASP A 631 5.89 8.72 -21.81
N TYR A 632 5.88 10.05 -21.71
CA TYR A 632 4.66 10.84 -21.88
C TYR A 632 4.18 10.84 -23.34
N LEU A 633 5.11 10.99 -24.28
CA LEU A 633 4.79 11.01 -25.71
C LEU A 633 4.07 9.73 -26.12
N ASN A 634 4.57 8.60 -25.62
CA ASN A 634 3.94 7.31 -25.88
C ASN A 634 2.57 7.16 -25.22
N GLU A 635 2.40 7.77 -24.05
CA GLU A 635 1.10 7.78 -23.38
C GLU A 635 0.11 8.65 -24.15
N LEU A 636 0.62 9.72 -24.75
CA LEU A 636 -0.19 10.63 -25.57
C LEU A 636 -0.55 10.00 -26.92
N ARG A 637 0.43 9.32 -27.54
CA ARG A 637 0.23 8.65 -28.81
C ARG A 637 -0.77 7.50 -28.69
N GLU A 638 -0.68 6.76 -27.59
CA GLU A 638 -1.60 5.67 -27.30
C GLU A 638 -3.04 6.17 -27.22
N SER A 639 -3.24 7.31 -26.56
CA SER A 639 -4.54 7.94 -26.45
C SER A 639 -5.05 8.47 -27.80
N CYS A 640 -4.15 9.00 -28.61
CA CYS A 640 -4.48 9.46 -29.96
C CYS A 640 -5.02 8.32 -30.80
N LEU A 641 -4.31 7.19 -30.79
CA LEU A 641 -4.71 5.99 -31.54
C LEU A 641 -6.05 5.45 -31.05
N GLU A 642 -6.23 5.41 -29.71
CA GLU A 642 -7.48 4.97 -29.09
C GLU A 642 -8.65 5.85 -29.52
N ALA A 643 -8.42 7.15 -29.54
CA ALA A 643 -9.45 8.11 -29.94
C ALA A 643 -9.96 7.81 -31.36
N TYR A 644 -9.04 7.77 -32.32
CA TYR A 644 -9.37 7.41 -33.70
C TYR A 644 -10.14 6.09 -33.78
N THR A 645 -9.66 5.08 -33.05
CA THR A 645 -10.28 3.76 -32.99
C THR A 645 -11.75 3.85 -32.57
N GLY A 646 -12.01 4.58 -31.48
CA GLY A 646 -13.38 4.82 -31.00
C GLY A 646 -14.23 5.55 -32.02
N ILE A 647 -13.63 6.48 -32.75
CA ILE A 647 -14.31 7.25 -33.79
C ILE A 647 -14.66 6.39 -35.00
N VAL A 648 -13.69 5.61 -35.49
CA VAL A 648 -13.89 4.76 -36.66
C VAL A 648 -14.94 3.69 -36.38
N GLN A 649 -14.83 3.03 -35.23
CA GLN A 649 -15.78 2.00 -34.83
C GLN A 649 -17.15 2.58 -34.50
N GLY A 650 -17.16 3.73 -33.82
CA GLY A 650 -18.40 4.38 -33.40
C GLY A 650 -19.31 4.76 -34.55
N LEU A 651 -18.72 5.32 -35.60
CA LEU A 651 -19.48 5.75 -36.78
C LEU A 651 -19.77 4.58 -37.73
N LYS A 652 -19.03 3.48 -37.55
CA LYS A 652 -19.20 2.27 -38.37
C LYS A 652 -20.48 1.52 -37.96
N GLY A 653 -20.66 1.34 -36.66
CA GLY A 653 -21.81 0.64 -36.12
C GLY A 653 -21.63 -0.86 -36.07
N ASP A 654 -22.60 -1.55 -35.48
CA ASP A 654 -22.60 -3.01 -35.41
C ASP A 654 -23.75 -3.60 -36.22
N GLN A 655 -23.64 -3.43 -37.54
CA GLN A 655 -24.64 -3.96 -38.48
C GLN A 655 -23.95 -4.85 -39.52
N GLU A 656 -24.69 -5.26 -40.55
CA GLU A 656 -24.15 -6.08 -41.63
C GLU A 656 -23.12 -5.29 -42.44
N ASN A 657 -23.55 -4.14 -42.96
CA ASN A 657 -22.68 -3.26 -43.74
C ASN A 657 -22.19 -2.07 -42.93
N VAL A 658 -21.14 -1.43 -43.43
CA VAL A 658 -20.59 -0.23 -42.82
C VAL A 658 -21.54 0.94 -43.07
N HIS A 659 -21.80 1.74 -42.03
CA HIS A 659 -22.64 2.92 -42.15
C HIS A 659 -21.87 4.03 -42.89
N PRO A 660 -22.50 4.67 -43.89
CA PRO A 660 -21.89 5.74 -44.69
C PRO A 660 -21.28 6.89 -43.87
N ASP A 661 -21.56 6.93 -42.57
CA ASP A 661 -21.05 8.00 -41.70
C ASP A 661 -19.53 8.03 -41.55
N VAL A 662 -18.88 6.89 -41.74
CA VAL A 662 -17.42 6.79 -41.60
C VAL A 662 -16.64 7.49 -42.72
N MET A 663 -17.32 7.78 -43.83
CA MET A 663 -16.70 8.45 -44.98
C MET A 663 -16.28 9.88 -44.65
N LEU A 664 -16.73 10.38 -43.49
CA LEU A 664 -16.32 11.69 -42.99
C LEU A 664 -14.95 11.61 -42.31
N VAL A 665 -14.53 10.40 -41.96
CA VAL A 665 -13.20 10.14 -41.41
C VAL A 665 -12.22 9.79 -42.53
N GLN A 666 -12.76 9.46 -43.69
CA GLN A 666 -11.96 9.05 -44.86
C GLN A 666 -10.85 10.03 -45.24
N PRO A 667 -11.14 11.35 -45.29
CA PRO A 667 -10.08 12.31 -45.59
C PRO A 667 -8.89 12.29 -44.61
N ARG A 668 -9.09 11.70 -43.44
CA ARG A 668 -8.07 11.67 -42.39
C ARG A 668 -7.20 10.40 -42.42
N VAL A 669 -7.64 9.40 -43.19
CA VAL A 669 -6.97 8.10 -43.28
C VAL A 669 -5.49 8.20 -43.66
N GLU A 670 -5.18 9.08 -44.62
CA GLU A 670 -3.80 9.34 -45.03
C GLU A 670 -2.92 9.79 -43.85
N PHE A 671 -3.44 10.75 -43.07
CA PHE A 671 -2.73 11.24 -41.90
C PHE A 671 -2.58 10.15 -40.83
N ILE A 672 -3.67 9.44 -40.56
CA ILE A 672 -3.69 8.38 -39.55
C ILE A 672 -2.65 7.29 -39.85
N LEU A 673 -2.57 6.88 -41.12
CA LEU A 673 -1.60 5.86 -41.53
C LEU A 673 -0.16 6.37 -41.53
N SER A 674 0.02 7.66 -41.77
CA SER A 674 1.34 8.31 -41.66
C SER A 674 1.78 8.37 -40.21
N PHE A 675 0.83 8.68 -39.33
CA PHE A 675 1.05 8.71 -37.88
C PHE A 675 1.49 7.34 -37.37
N ILE A 676 0.78 6.28 -37.79
CA ILE A 676 1.14 4.91 -37.46
C ILE A 676 2.52 4.55 -38.04
N ASP A 677 2.75 4.95 -39.30
CA ASP A 677 4.01 4.69 -39.98
C ASP A 677 5.19 5.35 -39.26
N HIS A 678 4.96 6.58 -38.76
CA HIS A 678 5.97 7.30 -37.99
C HIS A 678 6.23 6.63 -36.65
N ILE A 679 5.17 6.06 -36.06
CA ILE A 679 5.28 5.31 -34.81
C ILE A 679 6.13 4.05 -35.01
N ALA A 680 5.87 3.35 -36.11
CA ALA A 680 6.61 2.14 -36.47
C ALA A 680 8.11 2.40 -36.65
N GLY A 681 8.44 3.54 -37.24
CA GLY A 681 9.84 3.94 -37.47
C GLY A 681 10.60 4.33 -36.22
N ASP A 682 9.87 4.60 -35.14
CA ASP A 682 10.46 4.97 -33.86
C ASP A 682 10.75 3.72 -33.02
N GLU A 683 12.04 3.45 -32.79
CA GLU A 683 12.48 2.30 -32.02
C GLU A 683 11.99 2.29 -30.56
N ASP A 684 11.75 3.48 -30.03
CA ASP A 684 11.37 3.65 -28.62
C ASP A 684 9.87 3.51 -28.36
N HIS A 685 9.12 2.94 -29.30
CA HIS A 685 7.69 2.72 -29.11
C HIS A 685 7.42 1.63 -28.06
N THR A 686 6.24 1.69 -27.44
CA THR A 686 5.87 0.77 -26.37
C THR A 686 4.93 -0.32 -26.89
N ASP A 687 4.83 -1.42 -26.14
CA ASP A 687 3.91 -2.52 -26.46
C ASP A 687 2.44 -2.08 -26.47
N GLY A 688 2.11 -1.12 -25.61
CA GLY A 688 0.77 -0.55 -25.55
C GLY A 688 0.45 0.28 -26.79
N VAL A 689 1.45 0.99 -27.29
CA VAL A 689 1.30 1.81 -28.48
C VAL A 689 1.18 0.92 -29.73
N VAL A 690 2.08 -0.04 -29.84
CA VAL A 690 2.05 -1.02 -30.95
C VAL A 690 0.68 -1.70 -31.02
N ALA A 691 0.19 -2.15 -29.88
CA ALA A 691 -1.14 -2.76 -29.79
C ALA A 691 -2.24 -1.83 -30.30
N CYS A 692 -2.22 -0.59 -29.83
CA CYS A 692 -3.21 0.41 -30.24
C CYS A 692 -3.11 0.77 -31.71
N ALA A 693 -1.89 0.76 -32.24
CA ALA A 693 -1.67 0.99 -33.67
C ALA A 693 -2.25 -0.16 -34.49
N ALA A 694 -1.92 -1.39 -34.09
CA ALA A 694 -2.42 -2.60 -34.75
C ALA A 694 -3.95 -2.67 -34.70
N GLY A 695 -4.51 -2.27 -33.57
CA GLY A 695 -5.96 -2.20 -33.39
C GLY A 695 -6.60 -1.26 -34.40
N LEU A 696 -6.03 -0.07 -34.53
CA LEU A 696 -6.53 0.95 -35.45
C LEU A 696 -6.45 0.49 -36.92
N ILE A 697 -5.34 -0.16 -37.28
CA ILE A 697 -5.15 -0.66 -38.64
C ILE A 697 -6.28 -1.62 -39.02
N GLY A 698 -6.57 -2.55 -38.11
CA GLY A 698 -7.68 -3.48 -38.29
C GLY A 698 -9.02 -2.79 -38.44
N ASP A 699 -9.23 -1.74 -37.66
CA ASP A 699 -10.47 -0.95 -37.71
C ASP A 699 -10.63 -0.26 -39.05
N LEU A 700 -9.54 0.35 -39.53
CA LEU A 700 -9.53 1.00 -40.84
C LEU A 700 -9.85 0.02 -41.97
N CYS A 701 -9.36 -1.21 -41.84
CA CYS A 701 -9.62 -2.27 -42.81
C CYS A 701 -11.10 -2.59 -42.92
N THR A 702 -11.76 -2.72 -41.78
CA THR A 702 -13.17 -3.08 -41.72
C THR A 702 -14.10 -1.94 -42.18
N ALA A 703 -13.60 -0.71 -42.08
CA ALA A 703 -14.40 0.48 -42.41
C ALA A 703 -14.27 0.92 -43.87
N PHE A 704 -13.05 0.92 -44.39
CA PHE A 704 -12.77 1.51 -45.70
C PHE A 704 -12.45 0.50 -46.81
N GLY A 705 -12.13 -0.72 -46.43
CA GLY A 705 -11.92 -1.80 -47.42
C GLY A 705 -10.51 -1.92 -47.97
N LYS A 706 -10.42 -2.46 -49.19
CA LYS A 706 -9.15 -2.87 -49.79
C LYS A 706 -8.14 -1.74 -50.00
N ASP A 707 -8.63 -0.50 -50.06
CA ASP A 707 -7.76 0.66 -50.20
C ASP A 707 -6.77 0.78 -49.04
N VAL A 708 -7.23 0.49 -47.83
CA VAL A 708 -6.39 0.49 -46.63
C VAL A 708 -5.22 -0.49 -46.77
N LEU A 709 -5.49 -1.69 -47.28
CA LEU A 709 -4.45 -2.69 -47.54
C LEU A 709 -3.33 -2.11 -48.41
N LYS A 710 -3.72 -1.44 -49.50
CA LYS A 710 -2.76 -0.84 -50.42
C LYS A 710 -1.91 0.25 -49.77
N LEU A 711 -2.56 1.07 -48.95
CA LEU A 711 -1.86 2.16 -48.25
C LEU A 711 -0.97 1.65 -47.12
N VAL A 712 -1.34 0.52 -46.53
CA VAL A 712 -0.51 -0.15 -45.52
C VAL A 712 0.72 -0.80 -46.18
N GLU A 713 0.49 -1.50 -47.29
CA GLU A 713 1.57 -2.17 -48.03
C GLU A 713 2.57 -1.18 -48.65
N ALA A 714 2.17 0.08 -48.79
CA ALA A 714 3.03 1.13 -49.31
C ALA A 714 3.90 1.76 -48.20
N ARG A 715 3.59 1.41 -46.95
CA ARG A 715 4.39 1.85 -45.80
C ARG A 715 4.94 0.60 -45.12
N PRO A 716 6.08 0.08 -45.60
CA PRO A 716 6.64 -1.21 -45.17
C PRO A 716 6.97 -1.34 -43.68
N MET A 717 7.21 -0.22 -43.00
CA MET A 717 7.48 -0.25 -41.56
C MET A 717 6.27 -0.73 -40.75
N ILE A 718 5.06 -0.45 -41.25
CA ILE A 718 3.83 -0.90 -40.61
C ILE A 718 3.76 -2.43 -40.58
N HIS A 719 4.22 -3.07 -41.65
CA HIS A 719 4.37 -4.53 -41.71
C HIS A 719 5.27 -5.02 -40.58
N GLU A 720 6.38 -4.32 -40.36
CA GLU A 720 7.32 -4.64 -39.27
C GLU A 720 6.74 -4.44 -37.87
N LEU A 721 5.93 -3.39 -37.71
CA LEU A 721 5.25 -3.12 -36.44
C LEU A 721 4.28 -4.24 -36.09
N LEU A 722 3.58 -4.76 -37.09
CA LEU A 722 2.65 -5.87 -36.90
C LEU A 722 3.35 -7.17 -36.55
N THR A 723 4.46 -7.45 -37.24
CA THR A 723 5.30 -8.61 -36.96
C THR A 723 5.79 -8.57 -35.51
N GLU A 724 6.26 -7.40 -35.09
CA GLU A 724 6.73 -7.16 -33.73
C GLU A 724 5.63 -7.39 -32.70
N GLY A 725 4.40 -7.02 -33.05
CA GLY A 725 3.25 -7.14 -32.14
C GLY A 725 2.78 -8.57 -31.92
N ARG A 726 2.76 -9.37 -32.99
CA ARG A 726 2.35 -10.77 -32.90
C ARG A 726 3.36 -11.61 -32.13
N ARG A 727 4.59 -11.10 -32.01
CA ARG A 727 5.67 -11.80 -31.33
C ARG A 727 5.94 -11.23 -29.94
N SER A 728 5.23 -10.15 -29.61
CA SER A 728 5.38 -9.46 -28.32
C SER A 728 4.95 -10.31 -27.13
N LYS A 729 5.53 -10.00 -25.97
CA LYS A 729 5.27 -10.73 -24.73
C LYS A 729 3.83 -10.56 -24.24
N THR A 730 3.32 -9.33 -24.30
CA THR A 730 2.01 -8.97 -23.74
C THR A 730 0.84 -9.58 -24.53
N ASN A 731 -0.24 -9.85 -23.80
CA ASN A 731 -1.46 -10.44 -24.38
C ASN A 731 -2.22 -9.46 -25.28
N LYS A 732 -2.13 -8.18 -24.95
CA LYS A 732 -2.82 -7.11 -25.69
C LYS A 732 -2.30 -6.98 -27.12
N ALA A 733 -0.98 -6.83 -27.26
CA ALA A 733 -0.33 -6.67 -28.56
C ALA A 733 -0.43 -7.92 -29.43
N LYS A 734 -0.29 -9.08 -28.79
CA LYS A 734 -0.40 -10.37 -29.45
C LYS A 734 -1.75 -10.54 -30.15
N THR A 735 -2.83 -10.25 -29.41
CA THR A 735 -4.19 -10.42 -29.91
C THR A 735 -4.52 -9.45 -31.04
N LEU A 736 -4.23 -8.17 -30.83
CA LEU A 736 -4.60 -7.12 -31.78
C LEU A 736 -3.80 -7.14 -33.07
N ALA A 737 -2.50 -7.47 -32.98
CA ALA A 737 -1.66 -7.55 -34.17
C ALA A 737 -2.03 -8.73 -35.05
N THR A 738 -2.44 -9.83 -34.43
CA THR A 738 -2.94 -11.01 -35.14
C THR A 738 -4.26 -10.69 -35.86
N TRP A 739 -5.09 -9.87 -35.22
CA TRP A 739 -6.37 -9.47 -35.78
C TRP A 739 -6.23 -8.57 -37.01
N ALA A 740 -5.29 -7.64 -36.96
CA ALA A 740 -5.04 -6.73 -38.08
C ALA A 740 -4.43 -7.47 -39.28
N THR A 741 -3.55 -8.43 -38.99
CA THR A 741 -2.94 -9.26 -40.02
C THR A 741 -4.00 -10.10 -40.73
N LYS A 742 -4.92 -10.65 -39.93
CA LYS A 742 -6.07 -11.41 -40.44
C LYS A 742 -6.97 -10.52 -41.30
N GLU A 743 -7.26 -9.31 -40.81
CA GLU A 743 -8.09 -8.36 -41.54
C GLU A 743 -7.45 -7.88 -42.83
N LEU A 744 -6.12 -7.71 -42.81
CA LEU A 744 -5.36 -7.34 -44.01
C LEU A 744 -5.29 -8.50 -45.00
N ARG A 745 -5.27 -9.73 -44.47
CA ARG A 745 -5.26 -10.94 -45.29
C ARG A 745 -6.60 -11.19 -45.98
N LYS A 746 -7.69 -10.81 -45.31
CA LYS A 746 -9.03 -10.90 -45.89
C LYS A 746 -9.17 -9.99 -47.11
N LEU A 747 -8.60 -8.80 -47.02
CA LEU A 747 -8.62 -7.83 -48.11
C LEU A 747 -7.70 -8.26 -49.26
N LYS A 748 -6.62 -8.95 -48.93
CA LYS A 748 -5.71 -9.54 -49.91
C LYS A 748 -6.39 -10.62 -50.74
N ASN A 749 -7.22 -11.42 -50.09
CA ASN A 749 -7.78 -12.63 -50.68
C ASN A 749 -9.24 -12.52 -51.13
N GLN A 750 -9.86 -11.38 -50.87
CA GLN A 750 -11.27 -11.17 -51.26
C GLN A 750 -11.44 -11.19 -52.77
N GLY A 751 -12.57 -11.73 -53.21
CA GLY A 751 -12.89 -11.83 -54.64
C GLY A 751 -12.09 -12.91 -55.36
N LEU A 752 -11.53 -13.85 -54.61
CA LEU A 752 -10.79 -14.97 -55.18
C LEU A 752 -11.62 -16.25 -55.11
N THR A 753 -11.83 -16.87 -56.27
CA THR A 753 -12.61 -18.10 -56.38
C THR A 753 -11.86 -19.31 -55.85
N ARG A 754 -12.51 -20.08 -55.00
CA ARG A 754 -11.94 -21.30 -54.42
C ARG A 754 -12.19 -22.50 -55.33
N VAL A 755 -11.23 -23.43 -55.36
CA VAL A 755 -11.35 -24.64 -56.18
C VAL A 755 -10.77 -25.87 -55.45
N ASP A 756 -11.47 -27.01 -55.58
CA ASP A 756 -11.06 -28.26 -54.94
C ASP A 756 -9.90 -28.93 -55.66
N SER B 37 0.51 10.37 -0.45
CA SER B 37 0.47 9.02 0.18
C SER B 37 0.63 7.90 -0.86
N LEU B 38 1.30 6.83 -0.45
CA LEU B 38 1.55 5.68 -1.32
C LEU B 38 0.29 4.85 -1.57
N GLU B 39 -0.62 4.85 -0.59
CA GLU B 39 -1.88 4.11 -0.68
C GLU B 39 -2.85 4.73 -1.70
N GLN B 40 -2.77 6.05 -1.87
CA GLN B 40 -3.65 6.78 -2.79
C GLN B 40 -3.19 6.65 -4.25
N SER B 41 -1.89 6.47 -4.46
CA SER B 41 -1.33 6.29 -5.81
C SER B 41 -1.74 4.93 -6.41
N GLU B 42 -1.66 3.89 -5.58
CA GLU B 42 -2.05 2.54 -6.00
C GLU B 42 -3.56 2.40 -6.18
N ARG B 43 -4.31 3.16 -5.39
CA ARG B 43 -5.77 3.25 -5.53
C ARG B 43 -6.12 3.92 -6.86
N ARG B 44 -5.29 4.87 -7.28
CA ARG B 44 -5.48 5.57 -8.56
C ARG B 44 -5.12 4.70 -9.77
N ARG B 45 -3.99 3.98 -9.67
CA ARG B 45 -3.51 3.12 -10.75
C ARG B 45 -4.46 1.95 -11.02
N ARG B 46 -4.98 1.34 -9.95
CA ARG B 46 -5.90 0.20 -10.06
C ARG B 46 -7.19 0.53 -10.81
N LEU B 47 -7.71 1.74 -10.58
CA LEU B 47 -8.93 2.19 -11.26
C LEU B 47 -8.70 2.45 -12.75
N LEU B 48 -7.56 3.07 -13.07
CA LEU B 48 -7.20 3.38 -14.46
C LEU B 48 -7.04 2.11 -15.30
N GLU B 49 -6.39 1.10 -14.73
CA GLU B 49 -6.19 -0.19 -15.38
C GLU B 49 -7.53 -0.86 -15.68
N LEU B 50 -8.44 -0.79 -14.70
CA LEU B 50 -9.77 -1.40 -14.82
C LEU B 50 -10.61 -0.71 -15.90
N GLN B 51 -10.54 0.62 -15.94
CA GLN B 51 -11.23 1.40 -16.95
C GLN B 51 -10.66 1.14 -18.35
N LYS B 52 -9.34 0.93 -18.41
CA LYS B 52 -8.65 0.67 -19.68
C LYS B 52 -9.00 -0.69 -20.25
N SER B 53 -9.15 -1.67 -19.37
CA SER B 53 -9.51 -3.04 -19.77
C SER B 53 -10.98 -3.13 -20.17
N LYS B 54 -11.85 -2.43 -19.45
CA LYS B 54 -13.28 -2.36 -19.78
C LYS B 54 -13.50 -1.67 -21.12
N ARG B 55 -12.68 -0.67 -21.41
CA ARG B 55 -12.65 0.00 -22.71
C ARG B 55 -12.24 -0.99 -23.82
N LEU B 56 -11.19 -1.76 -23.55
CA LEU B 56 -10.70 -2.76 -24.48
C LEU B 56 -11.74 -3.85 -24.75
N ASP B 57 -12.45 -4.25 -23.70
CA ASP B 57 -13.52 -5.25 -23.82
C ASP B 57 -14.70 -4.74 -24.65
N TYR B 58 -15.03 -3.46 -24.51
CA TYR B 58 -16.10 -2.84 -25.29
C TYR B 58 -15.76 -2.68 -26.77
N VAL B 59 -14.53 -2.25 -27.05
CA VAL B 59 -14.07 -2.05 -28.43
C VAL B 59 -13.91 -3.40 -29.15
N ASN B 60 -13.29 -4.38 -28.48
CA ASN B 60 -13.13 -5.73 -29.03
C ASN B 60 -14.46 -6.45 -29.27
N HIS B 61 -15.50 -6.02 -28.55
CA HIS B 61 -16.85 -6.52 -28.79
C HIS B 61 -17.41 -5.96 -30.10
N ALA B 62 -17.12 -4.68 -30.36
CA ALA B 62 -17.53 -4.03 -31.60
C ALA B 62 -16.70 -4.56 -32.77
N ARG B 63 -15.44 -4.87 -32.51
CA ARG B 63 -14.54 -5.47 -33.50
C ARG B 63 -14.87 -6.94 -33.74
N ARG B 64 -15.57 -7.56 -32.78
CA ARG B 64 -15.83 -9.01 -32.76
C ARG B 64 -14.54 -9.81 -32.63
N LEU B 65 -13.99 -9.83 -31.42
CA LEU B 65 -12.74 -10.54 -31.13
C LEU B 65 -12.89 -11.51 -29.96
N ALA B 66 -12.15 -12.62 -30.05
CA ALA B 66 -12.12 -13.68 -29.01
C ALA B 66 -13.50 -14.21 -28.65
#